data_7F37
#
_entry.id   7F37
#
_cell.length_a   105.380
_cell.length_b   62.210
_cell.length_c   125.050
_cell.angle_alpha   90.000
_cell.angle_beta   105.980
_cell.angle_gamma   90.000
#
_symmetry.space_group_name_H-M   'C 1 2 1'
#
loop_
_entity.id
_entity.type
_entity.pdbx_description
1 polymer 'GNAT family N-acetyltransferase'
2 polymer 'DUF1778 domain-containing protein'
3 water water
#
loop_
_entity_poly.entity_id
_entity_poly.type
_entity_poly.pdbx_seq_one_letter_code
_entity_poly.pdbx_strand_id
1 'polypeptide(L)'
;MGITAPTPLTSEHNLADFCCSDHGMNEWLKKKALKNHSSGLSRVYVICIANTRQVIGYYCLSTGSIQRNLAPGAMRRNAP
ESLPVVVLGRLAIDQAWAGKGLGVALLKDAVYRTMSIAQQVGVRALIVHALDDSVRNFYLKYAFVPSPFQSLTLLYPITL
ELEHHHHHH
;
B,A
2 'polypeptide(L)'
;MKPESKEAPINIRAKASQRDLIDMAANLVAKSRTDFMLDAACREAQDILLDQRLFILDDEQYDAFLAALDAPITAERQAK
INALMNRKSPWE
;
C,D,F,E
#
# COMPACT_ATOMS: atom_id res chain seq x y z
N MET A 1 22.87 15.18 -24.67
CA MET A 1 23.56 14.30 -25.64
C MET A 1 24.24 13.11 -24.94
N GLY A 2 23.88 12.87 -23.68
CA GLY A 2 24.42 11.77 -22.92
C GLY A 2 23.34 11.18 -22.02
N ILE A 3 23.69 10.05 -21.39
CA ILE A 3 22.75 9.33 -20.53
C ILE A 3 23.50 8.85 -19.30
N THR A 4 22.82 8.83 -18.16
CA THR A 4 23.49 8.58 -16.90
C THR A 4 23.22 7.17 -16.43
N ALA A 5 24.07 6.71 -15.50
CA ALA A 5 23.94 5.38 -14.96
C ALA A 5 22.62 5.27 -14.22
N PRO A 6 22.03 4.06 -14.12
CA PRO A 6 20.86 3.88 -13.27
C PRO A 6 21.23 4.20 -11.83
N THR A 7 20.25 4.69 -11.09
CA THR A 7 20.46 5.19 -9.74
C THR A 7 19.10 5.20 -9.08
N PRO A 8 19.02 4.91 -7.78
CA PRO A 8 17.70 4.76 -7.17
C PRO A 8 16.90 6.05 -7.29
N LEU A 9 15.59 5.89 -7.26
CA LEU A 9 14.66 6.99 -7.47
C LEU A 9 14.79 8.01 -6.35
N THR A 10 14.77 9.30 -6.71
CA THR A 10 14.78 10.41 -5.75
C THR A 10 13.62 11.34 -6.05
N SER A 11 13.07 11.92 -4.96
CA SER A 11 12.00 12.90 -5.05
C SER A 11 12.25 13.99 -6.09
N GLU A 12 13.49 14.16 -6.54
CA GLU A 12 13.78 15.25 -7.45
C GLU A 12 13.43 14.91 -8.88
N HIS A 13 13.87 13.75 -9.36
CA HIS A 13 13.77 13.34 -10.77
C HIS A 13 12.43 13.69 -11.38
N ASN A 14 12.45 14.52 -12.43
CA ASN A 14 11.22 14.77 -13.16
C ASN A 14 10.73 13.47 -13.82
N LEU A 15 9.55 13.01 -13.42
CA LEU A 15 8.89 11.89 -14.08
C LEU A 15 7.72 12.30 -14.98
N ALA A 16 7.45 13.60 -15.10
CA ALA A 16 6.26 14.08 -15.79
C ALA A 16 6.42 14.09 -17.30
N ASP A 17 7.66 14.16 -17.77
CA ASP A 17 7.86 14.13 -19.21
C ASP A 17 7.74 12.71 -19.72
N PHE A 18 8.49 11.76 -19.15
CA PHE A 18 8.65 10.38 -19.61
C PHE A 18 7.33 9.77 -20.09
N CYS A 19 7.31 9.33 -21.33
CA CYS A 19 6.11 8.72 -21.91
C CYS A 19 6.54 7.56 -22.81
N CYS A 20 6.62 6.36 -22.24
CA CYS A 20 6.90 5.19 -23.04
C CYS A 20 5.61 4.77 -23.74
N SER A 21 5.65 3.63 -24.43
CA SER A 21 4.52 3.24 -25.27
C SER A 21 3.34 2.75 -24.45
N ASP A 22 3.61 2.12 -23.30
CA ASP A 22 2.57 1.48 -22.49
C ASP A 22 2.04 2.45 -21.43
N HIS A 23 0.75 2.77 -21.51
CA HIS A 23 0.12 3.63 -20.52
C HIS A 23 0.34 3.10 -19.10
N GLY A 24 0.29 1.78 -18.93
CA GLY A 24 0.49 1.20 -17.61
C GLY A 24 1.77 1.69 -16.94
N MET A 25 2.89 1.58 -17.65
CA MET A 25 4.17 1.90 -17.04
C MET A 25 4.47 3.38 -17.05
N ASN A 26 3.65 4.20 -17.71
CA ASN A 26 3.73 5.64 -17.49
C ASN A 26 3.02 6.03 -16.18
N GLU A 27 1.82 5.49 -15.97
CA GLU A 27 1.10 5.75 -14.73
C GLU A 27 1.88 5.20 -13.51
N TRP A 28 2.51 4.03 -13.65
CA TRP A 28 3.18 3.43 -12.51
C TRP A 28 4.34 4.28 -12.03
N LEU A 29 5.13 4.86 -12.93
CA LEU A 29 6.19 5.73 -12.47
C LEU A 29 5.61 6.95 -11.76
N LYS A 30 4.76 7.69 -12.48
CA LYS A 30 4.22 8.95 -11.99
C LYS A 30 3.20 8.79 -10.88
N LYS A 31 2.82 7.58 -10.49
CA LYS A 31 1.77 7.45 -9.49
C LYS A 31 2.09 6.49 -8.37
N LYS A 32 2.98 5.52 -8.57
CA LYS A 32 3.23 4.50 -7.55
C LYS A 32 4.71 4.19 -7.33
N ALA A 33 5.62 4.83 -8.07
CA ALA A 33 7.02 4.45 -8.06
C ALA A 33 7.74 4.99 -6.85
N LEU A 34 7.53 6.26 -6.52
CA LEU A 34 8.09 6.77 -5.26
C LEU A 34 7.24 6.39 -4.06
N LYS A 35 5.96 6.07 -4.25
CA LYS A 35 5.19 5.59 -3.11
C LYS A 35 5.68 4.19 -2.71
N ASN A 36 6.05 3.39 -3.71
CA ASN A 36 6.53 2.03 -3.49
C ASN A 36 7.99 2.02 -3.07
N HIS A 37 8.85 2.71 -3.82
CA HIS A 37 10.29 2.63 -3.57
C HIS A 37 10.69 3.23 -2.21
N SER A 38 9.94 4.25 -1.75
CA SER A 38 10.18 4.87 -0.44
C SER A 38 9.69 3.99 0.72
N SER A 39 8.69 3.14 0.46
CA SER A 39 8.21 2.16 1.43
C SER A 39 8.84 0.79 1.23
N GLY A 40 10.09 0.74 0.69
CA GLY A 40 10.91 -0.46 0.59
C GLY A 40 10.25 -1.73 0.11
N LEU A 41 9.12 -1.59 -0.60
CA LEU A 41 8.43 -2.74 -1.18
C LEU A 41 9.21 -3.23 -2.39
N SER A 42 9.28 -2.39 -3.43
CA SER A 42 10.15 -2.56 -4.57
C SER A 42 11.28 -1.53 -4.50
N ARG A 43 12.12 -1.52 -5.52
CA ARG A 43 13.28 -0.64 -5.52
C ARG A 43 13.47 -0.16 -6.95
N VAL A 44 13.28 1.15 -7.20
CA VAL A 44 13.20 1.69 -8.56
C VAL A 44 14.55 2.33 -8.96
N TYR A 45 14.94 2.15 -10.23
CA TYR A 45 16.20 2.64 -10.79
C TYR A 45 15.90 3.43 -12.05
N VAL A 46 16.60 4.55 -12.26
CA VAL A 46 16.28 5.47 -13.36
C VAL A 46 17.54 5.99 -14.08
N ILE A 47 17.43 6.14 -15.40
CA ILE A 47 18.48 6.73 -16.24
C ILE A 47 17.96 8.05 -16.77
N CYS A 48 18.77 9.10 -16.64
CA CYS A 48 18.43 10.47 -17.04
C CYS A 48 19.31 10.96 -18.17
N ILE A 49 18.79 11.99 -18.87
CA ILE A 49 19.55 12.77 -19.86
C ILE A 49 20.80 13.29 -19.17
N ALA A 50 21.89 13.47 -19.95
CA ALA A 50 23.23 13.57 -19.40
C ALA A 50 23.26 14.26 -18.06
N ASN A 51 22.75 15.50 -18.01
CA ASN A 51 22.62 16.24 -16.75
C ASN A 51 21.22 16.83 -16.68
N THR A 52 20.32 15.99 -16.20
CA THR A 52 18.97 16.37 -15.85
C THR A 52 18.56 15.47 -14.71
N ARG A 53 17.41 15.79 -14.13
CA ARG A 53 16.62 14.80 -13.43
C ARG A 53 15.41 14.38 -14.27
N GLN A 54 15.57 14.47 -15.59
CA GLN A 54 14.59 13.96 -16.54
C GLN A 54 14.79 12.46 -16.67
N VAL A 55 13.82 11.69 -16.20
CA VAL A 55 13.87 10.24 -16.28
C VAL A 55 13.44 9.78 -17.67
N ILE A 56 14.28 8.97 -18.30
CA ILE A 56 14.02 8.41 -19.63
C ILE A 56 13.68 6.93 -19.57
N GLY A 57 14.18 6.25 -18.55
CA GLY A 57 13.94 4.83 -18.45
C GLY A 57 14.06 4.43 -17.00
N TYR A 58 13.44 3.30 -16.69
CA TYR A 58 13.47 2.86 -15.31
C TYR A 58 13.19 1.38 -15.28
N TYR A 59 13.59 0.75 -14.18
CA TYR A 59 13.19 -0.61 -13.94
C TYR A 59 12.95 -0.78 -12.44
N CYS A 60 12.34 -1.89 -12.06
CA CYS A 60 12.20 -2.09 -10.64
C CYS A 60 12.46 -3.54 -10.29
N LEU A 61 13.17 -3.74 -9.19
CA LEU A 61 13.42 -5.03 -8.59
C LEU A 61 12.68 -5.12 -7.26
N SER A 62 12.48 -6.35 -6.81
CA SER A 62 11.84 -6.65 -5.53
C SER A 62 12.06 -8.12 -5.22
N THR A 63 12.21 -8.42 -3.95
CA THR A 63 12.42 -9.81 -3.58
C THR A 63 11.15 -10.64 -3.81
N GLY A 64 11.38 -11.92 -4.10
CA GLY A 64 10.29 -12.87 -4.24
C GLY A 64 10.73 -14.20 -3.69
N SER A 65 9.78 -15.10 -3.52
CA SER A 65 10.07 -16.44 -3.04
C SER A 65 9.35 -17.45 -3.91
N ILE A 66 9.94 -18.62 -4.05
CA ILE A 66 9.29 -19.74 -4.74
C ILE A 66 9.31 -20.93 -3.80
N GLN A 67 8.15 -21.47 -3.47
CA GLN A 67 7.98 -22.30 -2.28
C GLN A 67 7.39 -23.66 -2.63
N ARG A 68 7.62 -24.60 -1.73
CA ARG A 68 7.22 -25.98 -1.93
C ARG A 68 5.93 -26.19 -1.17
N ASN A 69 4.86 -26.40 -1.92
CA ASN A 69 3.53 -26.70 -1.38
C ASN A 69 3.61 -27.75 -0.27
N LEU A 70 2.84 -27.51 0.78
CA LEU A 70 2.78 -28.41 1.91
C LEU A 70 1.73 -29.51 1.75
N ALA A 71 0.64 -29.24 1.04
CA ALA A 71 -0.42 -30.26 0.87
C ALA A 71 0.10 -31.56 0.24
N ARG A 76 7.84 -34.45 -3.86
CA ARG A 76 7.47 -35.65 -3.13
C ARG A 76 7.04 -35.35 -1.69
N ARG A 77 8.01 -35.12 -0.79
CA ARG A 77 7.69 -34.77 0.58
C ARG A 77 7.28 -33.30 0.68
N ASN A 78 7.02 -32.85 1.90
CA ASN A 78 6.31 -31.58 2.05
C ASN A 78 7.01 -30.58 2.98
N ALA A 79 8.23 -30.88 3.44
CA ALA A 79 8.86 -30.06 4.48
C ALA A 79 9.18 -28.66 3.96
N PRO A 80 8.92 -27.62 4.75
CA PRO A 80 8.89 -26.26 4.20
C PRO A 80 10.20 -25.89 3.51
N GLU A 81 10.09 -25.46 2.25
CA GLU A 81 11.30 -25.28 1.46
C GLU A 81 11.06 -24.13 0.47
N SER A 82 11.81 -23.05 0.67
CA SER A 82 11.74 -21.81 -0.08
C SER A 82 13.06 -21.54 -0.78
N LEU A 83 12.99 -21.01 -1.99
CA LEU A 83 14.14 -20.41 -2.63
C LEU A 83 13.89 -18.93 -2.85
N PRO A 84 14.81 -18.07 -2.43
CA PRO A 84 14.65 -16.64 -2.72
C PRO A 84 14.96 -16.35 -4.17
N VAL A 85 14.23 -15.41 -4.72
CA VAL A 85 14.29 -15.05 -6.13
C VAL A 85 13.99 -13.56 -6.22
N VAL A 86 14.50 -12.90 -7.26
CA VAL A 86 14.25 -11.48 -7.47
C VAL A 86 13.37 -11.32 -8.70
N VAL A 87 12.40 -10.43 -8.62
CA VAL A 87 11.43 -10.20 -9.68
C VAL A 87 11.72 -8.84 -10.28
N LEU A 88 12.04 -8.84 -11.58
CA LEU A 88 12.16 -7.67 -12.46
C LEU A 88 10.75 -7.24 -12.82
N GLY A 89 10.16 -6.41 -11.96
CA GLY A 89 8.80 -5.94 -12.19
C GLY A 89 8.57 -5.26 -13.53
N ARG A 90 9.19 -4.11 -13.73
CA ARG A 90 8.88 -3.31 -14.90
C ARG A 90 10.19 -2.79 -15.47
N LEU A 91 10.29 -2.84 -16.78
CA LEU A 91 11.35 -2.18 -17.52
C LEU A 91 10.68 -1.42 -18.64
N ALA A 92 11.11 -0.19 -18.86
CA ALA A 92 10.39 0.69 -19.78
C ALA A 92 11.29 1.86 -20.13
N ILE A 93 11.28 2.20 -21.42
CA ILE A 93 12.16 3.20 -22.01
C ILE A 93 11.28 4.21 -22.75
N ASP A 94 11.58 5.50 -22.56
CA ASP A 94 10.82 6.57 -23.21
C ASP A 94 10.80 6.45 -24.73
N GLN A 95 9.60 6.47 -25.32
CA GLN A 95 9.44 6.33 -26.77
C GLN A 95 10.51 7.05 -27.60
N ALA A 96 10.74 8.34 -27.32
CA ALA A 96 11.73 9.14 -28.06
C ALA A 96 13.15 8.60 -27.95
N TRP A 97 13.43 7.68 -27.04
CA TRP A 97 14.78 7.14 -26.85
C TRP A 97 14.84 5.67 -27.18
N ALA A 98 13.74 5.14 -27.72
CA ALA A 98 13.64 3.76 -28.15
C ALA A 98 14.57 3.49 -29.32
N GLY A 99 15.00 2.25 -29.44
CA GLY A 99 15.92 1.89 -30.48
C GLY A 99 17.34 2.34 -30.26
N LYS A 100 17.61 3.12 -29.23
CA LYS A 100 19.00 3.49 -28.97
C LYS A 100 19.71 2.43 -28.15
N GLY A 101 19.04 1.33 -27.80
CA GLY A 101 19.66 0.23 -27.09
C GLY A 101 19.55 0.29 -25.59
N LEU A 102 18.84 1.28 -25.05
CA LEU A 102 18.75 1.42 -23.60
C LEU A 102 17.94 0.29 -22.99
N GLY A 103 16.96 -0.26 -23.70
CA GLY A 103 16.26 -1.42 -23.19
C GLY A 103 17.19 -2.52 -22.68
N VAL A 104 18.01 -3.11 -23.56
CA VAL A 104 19.00 -4.08 -23.11
C VAL A 104 19.86 -3.44 -22.02
N ALA A 105 20.23 -2.18 -22.23
CA ALA A 105 21.22 -1.55 -21.36
C ALA A 105 20.78 -1.65 -19.91
N LEU A 106 19.47 -1.49 -19.66
CA LEU A 106 18.93 -1.62 -18.31
C LEU A 106 18.86 -3.08 -17.89
N LEU A 107 18.48 -3.96 -18.80
CA LEU A 107 18.31 -5.34 -18.41
C LEU A 107 19.66 -5.88 -17.99
N LYS A 108 20.71 -5.42 -18.65
CA LYS A 108 22.04 -5.85 -18.24
C LYS A 108 22.35 -5.35 -16.83
N ASP A 109 21.97 -4.11 -16.54
CA ASP A 109 22.18 -3.59 -15.20
C ASP A 109 21.42 -4.39 -14.16
N ALA A 110 20.17 -4.75 -14.46
CA ALA A 110 19.38 -5.58 -13.56
C ALA A 110 20.10 -6.87 -13.23
N VAL A 111 20.52 -7.62 -14.25
CA VAL A 111 21.19 -8.87 -14.02
C VAL A 111 22.46 -8.65 -13.20
N TYR A 112 23.28 -7.68 -13.59
CA TYR A 112 24.48 -7.38 -12.82
C TYR A 112 24.14 -7.13 -11.35
N ARG A 113 23.19 -6.24 -11.10
CA ARG A 113 22.80 -5.97 -9.72
C ARG A 113 22.22 -7.20 -9.04
N THR A 114 21.57 -8.07 -9.81
CA THR A 114 20.92 -9.23 -9.20
C THR A 114 21.91 -10.33 -8.89
N MET A 115 22.93 -10.49 -9.72
CA MET A 115 23.97 -11.43 -9.34
C MET A 115 24.77 -10.88 -8.18
N SER A 116 24.93 -9.56 -8.13
CA SER A 116 25.55 -8.93 -6.97
C SER A 116 24.78 -9.24 -5.68
N ILE A 117 23.46 -9.03 -5.69
CA ILE A 117 22.65 -9.41 -4.53
C ILE A 117 22.84 -10.88 -4.23
N ALA A 118 22.68 -11.72 -5.25
CA ALA A 118 22.78 -13.17 -5.09
C ALA A 118 24.12 -13.62 -4.52
N GLN A 119 25.12 -12.75 -4.47
CA GLN A 119 26.30 -13.08 -3.68
C GLN A 119 26.05 -12.85 -2.18
N GLN A 120 25.27 -11.83 -1.82
CA GLN A 120 24.97 -11.57 -0.41
C GLN A 120 24.03 -12.61 0.15
N VAL A 121 22.79 -12.61 -0.35
CA VAL A 121 21.74 -13.51 0.09
C VAL A 121 21.60 -14.60 -0.96
N GLY A 122 20.78 -15.60 -0.71
CA GLY A 122 20.84 -16.74 -1.59
C GLY A 122 19.98 -16.70 -2.85
N VAL A 123 19.91 -15.54 -3.52
CA VAL A 123 18.98 -15.37 -4.63
C VAL A 123 19.34 -16.30 -5.77
N ARG A 124 18.32 -16.92 -6.38
CA ARG A 124 18.51 -18.08 -7.24
C ARG A 124 18.00 -17.92 -8.65
N ALA A 125 17.31 -16.83 -8.96
CA ALA A 125 16.92 -16.55 -10.33
C ALA A 125 16.36 -15.14 -10.38
N LEU A 126 16.50 -14.52 -11.53
CA LEU A 126 15.76 -13.31 -11.77
C LEU A 126 14.53 -13.74 -12.55
N ILE A 127 13.43 -13.01 -12.42
CA ILE A 127 12.15 -13.54 -12.89
C ILE A 127 11.35 -12.42 -13.50
N VAL A 128 10.83 -12.63 -14.70
CA VAL A 128 10.02 -11.60 -15.34
C VAL A 128 8.77 -12.21 -15.91
N HIS A 129 7.73 -11.37 -16.00
CA HIS A 129 6.43 -11.73 -16.54
C HIS A 129 6.29 -10.99 -17.86
N ALA A 130 6.50 -11.72 -18.93
CA ALA A 130 6.24 -11.24 -20.27
C ALA A 130 4.74 -11.33 -20.55
N LEU A 131 4.06 -10.18 -20.62
CA LEU A 131 2.68 -10.16 -21.08
C LEU A 131 2.60 -10.14 -22.61
N ASP A 132 3.18 -9.11 -23.22
CA ASP A 132 3.23 -9.01 -24.67
C ASP A 132 4.10 -10.12 -25.23
N ASP A 133 3.70 -10.65 -26.39
CA ASP A 133 4.58 -11.58 -27.12
C ASP A 133 5.82 -10.92 -27.64
N SER A 134 5.86 -9.59 -27.68
CA SER A 134 7.07 -8.89 -28.04
C SER A 134 7.99 -8.80 -26.83
N VAL A 135 7.40 -8.51 -25.67
CA VAL A 135 8.14 -8.53 -24.42
C VAL A 135 8.83 -9.87 -24.24
N ARG A 136 8.09 -10.95 -24.45
CA ARG A 136 8.64 -12.32 -24.25
C ARG A 136 9.82 -12.52 -25.19
N ASN A 137 9.73 -12.00 -26.40
CA ASN A 137 10.81 -12.18 -27.36
C ASN A 137 12.05 -11.44 -26.90
N PHE A 138 11.88 -10.23 -26.39
CA PHE A 138 13.02 -9.50 -25.86
C PHE A 138 13.73 -10.33 -24.80
N TYR A 139 12.97 -10.86 -23.83
CA TYR A 139 13.63 -11.52 -22.70
C TYR A 139 14.16 -12.88 -23.12
N LEU A 140 13.47 -13.59 -24.02
CA LEU A 140 14.05 -14.83 -24.52
C LEU A 140 15.37 -14.56 -25.24
N LYS A 141 15.42 -13.46 -25.99
CA LYS A 141 16.60 -13.05 -26.72
C LYS A 141 17.78 -12.79 -25.81
N TYR A 142 17.55 -12.48 -24.51
CA TYR A 142 18.64 -12.13 -23.62
C TYR A 142 18.77 -13.09 -22.47
N ALA A 143 18.66 -14.38 -22.80
CA ALA A 143 19.01 -15.55 -22.01
C ALA A 143 17.96 -15.95 -20.96
N PHE A 144 16.84 -15.25 -20.83
CA PHE A 144 15.78 -15.78 -20.02
C PHE A 144 15.22 -17.04 -20.66
N VAL A 145 14.67 -17.93 -19.84
CA VAL A 145 14.11 -19.18 -20.35
C VAL A 145 12.70 -19.25 -19.79
N PRO A 146 11.73 -19.86 -20.49
CA PRO A 146 10.37 -19.97 -19.96
C PRO A 146 10.35 -20.81 -18.69
N SER A 147 9.68 -20.31 -17.67
CA SER A 147 9.58 -21.07 -16.45
C SER A 147 8.78 -22.33 -16.73
N PRO A 148 8.82 -23.32 -15.85
CA PRO A 148 7.95 -24.49 -16.03
C PRO A 148 6.66 -24.43 -15.26
N PHE A 149 6.39 -23.35 -14.51
CA PHE A 149 5.13 -23.25 -13.76
C PHE A 149 4.12 -22.27 -14.34
N GLN A 150 4.56 -21.14 -14.90
CA GLN A 150 3.66 -20.22 -15.57
C GLN A 150 4.14 -20.00 -17.01
N SER A 151 3.20 -19.89 -17.94
CA SER A 151 3.61 -19.62 -19.33
C SER A 151 4.26 -18.24 -19.42
N LEU A 152 3.61 -17.24 -18.82
CA LEU A 152 4.02 -15.88 -19.02
C LEU A 152 5.20 -15.51 -18.14
N THR A 153 5.79 -16.47 -17.45
CA THR A 153 6.84 -16.20 -16.50
C THR A 153 8.15 -16.77 -17.00
N LEU A 154 9.19 -15.96 -17.00
CA LEU A 154 10.47 -16.42 -17.50
C LEU A 154 11.51 -16.32 -16.39
N LEU A 155 12.58 -17.11 -16.49
CA LEU A 155 13.60 -17.16 -15.46
C LEU A 155 14.94 -16.84 -16.09
N TYR A 156 15.77 -16.14 -15.34
CA TYR A 156 17.20 -16.03 -15.64
C TYR A 156 17.86 -16.72 -14.46
N PRO A 157 18.18 -18.00 -14.57
CA PRO A 157 18.73 -18.72 -13.42
C PRO A 157 20.11 -18.21 -13.09
N ILE A 158 20.37 -17.93 -11.82
CA ILE A 158 21.67 -17.38 -11.40
C ILE A 158 22.18 -18.24 -10.24
N THR A 159 22.89 -19.30 -10.59
CA THR A 159 23.37 -20.29 -9.62
C THR A 159 24.84 -20.05 -9.29
N LEU A 160 25.14 -18.90 -8.67
CA LEU A 160 26.46 -18.72 -8.06
C LEU A 160 26.55 -19.65 -6.87
N GLU A 161 27.75 -20.18 -6.61
CA GLU A 161 27.91 -21.23 -5.60
C GLU A 161 28.27 -20.72 -4.20
N GLY B 2 9.82 14.96 32.36
CA GLY B 2 10.49 13.79 31.80
C GLY B 2 10.49 13.60 30.27
N ILE B 3 9.30 13.42 29.67
CA ILE B 3 9.13 13.15 28.24
C ILE B 3 9.31 14.43 27.43
N THR B 4 9.63 14.28 26.15
CA THR B 4 9.72 15.43 25.25
C THR B 4 8.71 15.31 24.12
N ALA B 5 8.47 16.47 23.47
CA ALA B 5 7.45 16.82 22.50
C ALA B 5 7.31 15.73 21.45
N PRO B 6 6.11 15.51 20.91
CA PRO B 6 5.95 14.50 19.87
C PRO B 6 6.54 15.00 18.57
N THR B 7 7.12 14.06 17.83
CA THR B 7 7.82 14.40 16.60
C THR B 7 7.59 13.28 15.60
N PRO B 8 7.81 13.53 14.31
CA PRO B 8 7.62 12.46 13.30
C PRO B 8 8.47 11.23 13.57
N LEU B 9 7.89 10.07 13.25
CA LEU B 9 8.58 8.79 13.37
C LEU B 9 9.76 8.72 12.41
N THR B 10 10.80 7.97 12.82
CA THR B 10 11.97 7.64 12.00
C THR B 10 12.43 6.21 12.31
N SER B 11 13.32 5.67 11.47
CA SER B 11 13.84 4.33 11.70
C SER B 11 14.58 4.20 13.03
N GLU B 12 14.98 5.33 13.62
CA GLU B 12 15.85 5.35 14.79
C GLU B 12 15.10 5.06 16.08
N HIS B 13 13.84 5.51 16.20
CA HIS B 13 13.06 5.22 17.40
C HIS B 13 12.98 3.71 17.61
N ASN B 14 13.52 3.25 18.72
CA ASN B 14 13.33 1.84 19.03
C ASN B 14 11.84 1.63 19.25
N LEU B 15 11.17 1.01 18.28
CA LEU B 15 9.74 0.74 18.37
C LEU B 15 9.43 -0.66 18.93
N ALA B 16 10.44 -1.40 19.38
CA ALA B 16 10.27 -2.83 19.63
C ALA B 16 9.46 -3.08 20.91
N ASP B 17 9.95 -2.55 22.03
CA ASP B 17 9.32 -2.77 23.34
C ASP B 17 8.23 -1.72 23.52
N PHE B 18 7.06 -2.02 22.95
CA PHE B 18 5.89 -1.16 23.08
C PHE B 18 4.67 -2.08 23.18
N CYS B 19 3.98 -2.05 24.32
CA CYS B 19 2.79 -2.84 24.54
C CYS B 19 1.70 -1.94 25.07
N CYS B 20 0.57 -1.89 24.36
CA CYS B 20 -0.47 -0.91 24.62
C CYS B 20 -1.83 -1.53 24.94
N SER B 21 -1.91 -2.86 25.02
CA SER B 21 -3.09 -3.67 25.33
C SER B 21 -4.04 -3.89 24.16
N ASP B 22 -3.88 -3.20 23.04
CA ASP B 22 -4.73 -3.46 21.89
C ASP B 22 -3.85 -3.89 20.74
N HIS B 23 -3.96 -5.16 20.35
CA HIS B 23 -2.97 -5.75 19.45
C HIS B 23 -3.02 -5.11 18.06
N GLY B 24 -4.21 -4.74 17.59
CA GLY B 24 -4.29 -4.03 16.32
C GLY B 24 -3.43 -2.79 16.30
N MET B 25 -3.58 -1.93 17.31
CA MET B 25 -2.72 -0.76 17.41
C MET B 25 -1.30 -1.16 17.78
N ASN B 26 -1.15 -2.28 18.47
CA ASN B 26 0.19 -2.75 18.82
C ASN B 26 0.95 -3.22 17.60
N GLU B 27 0.35 -4.13 16.83
CA GLU B 27 1.03 -4.62 15.64
C GLU B 27 1.23 -3.53 14.59
N TRP B 28 0.39 -2.49 14.59
CA TRP B 28 0.45 -1.47 13.54
C TRP B 28 1.77 -0.73 13.59
N LEU B 29 2.13 -0.19 14.76
CA LEU B 29 3.44 0.43 14.91
C LEU B 29 4.54 -0.58 14.59
N LYS B 30 4.42 -1.81 15.15
CA LYS B 30 5.37 -2.90 14.88
C LYS B 30 5.53 -3.14 13.40
N LYS B 31 4.44 -3.09 12.62
CA LYS B 31 4.50 -3.52 11.24
C LYS B 31 4.29 -2.37 10.26
N LYS B 32 3.16 -1.66 10.34
CA LYS B 32 2.75 -0.77 9.25
C LYS B 32 3.05 0.72 9.48
N ALA B 33 3.57 1.12 10.64
CA ALA B 33 3.71 2.54 10.94
C ALA B 33 4.77 3.21 10.08
N LEU B 34 6.02 2.73 10.16
CA LEU B 34 7.10 3.45 9.48
C LEU B 34 7.00 3.31 7.95
N LYS B 35 6.64 2.12 7.45
CA LYS B 35 6.45 1.97 6.00
C LYS B 35 5.30 2.84 5.51
N ASN B 36 4.25 2.97 6.34
CA ASN B 36 3.13 3.86 5.99
C ASN B 36 3.57 5.32 6.02
N HIS B 37 4.15 5.74 7.15
CA HIS B 37 4.52 7.14 7.33
C HIS B 37 5.54 7.61 6.28
N SER B 38 6.46 6.72 5.87
CA SER B 38 7.48 7.07 4.89
C SER B 38 6.92 7.14 3.48
N SER B 39 5.95 6.28 3.16
CA SER B 39 5.32 6.32 1.85
C SER B 39 4.27 7.41 1.76
N GLY B 40 3.96 8.08 2.88
CA GLY B 40 3.25 9.34 2.89
C GLY B 40 1.74 9.28 3.01
N LEU B 41 1.16 8.11 3.28
CA LEU B 41 -0.30 7.99 3.39
C LEU B 41 -0.85 8.65 4.66
N SER B 42 -0.48 8.12 5.83
CA SER B 42 -0.72 8.79 7.10
C SER B 42 0.62 9.26 7.69
N ARG B 43 0.56 10.25 8.59
CA ARG B 43 1.74 10.80 9.26
C ARG B 43 1.70 10.50 10.76
N VAL B 44 2.82 9.99 11.31
CA VAL B 44 2.83 9.32 12.60
C VAL B 44 3.79 10.05 13.55
N TYR B 45 3.34 10.31 14.78
CA TYR B 45 4.10 11.07 15.79
C TYR B 45 4.30 10.26 17.06
N VAL B 46 5.42 10.50 17.75
CA VAL B 46 5.82 9.69 18.89
C VAL B 46 6.37 10.54 20.02
N ILE B 47 6.33 9.96 21.22
CA ILE B 47 6.88 10.57 22.43
C ILE B 47 7.69 9.50 23.16
N CYS B 48 8.79 9.95 23.79
CA CYS B 48 9.84 9.06 24.28
C CYS B 48 10.19 9.34 25.73
N ILE B 49 10.82 8.35 26.38
CA ILE B 49 11.29 8.43 27.77
C ILE B 49 12.34 9.54 27.80
N ALA B 50 12.80 9.92 28.99
CA ALA B 50 13.50 11.19 29.21
C ALA B 50 14.38 11.64 28.04
N ASN B 51 15.40 10.85 27.67
CA ASN B 51 16.15 11.03 26.43
C ASN B 51 16.34 9.73 25.67
N THR B 52 15.96 8.60 26.28
CA THR B 52 15.71 7.33 25.60
C THR B 52 14.91 7.54 24.31
N ARG B 53 15.18 6.71 23.31
CA ARG B 53 14.33 6.68 22.13
C ARG B 53 13.55 5.39 22.02
N GLN B 54 13.38 4.67 23.12
CA GLN B 54 12.23 3.79 23.27
C GLN B 54 10.98 4.63 23.40
N VAL B 55 9.91 4.18 22.74
CA VAL B 55 8.72 4.97 22.44
C VAL B 55 7.58 4.51 23.33
N ILE B 56 6.88 5.48 23.95
CA ILE B 56 5.80 5.17 24.88
C ILE B 56 4.42 5.51 24.32
N GLY B 57 4.33 6.44 23.40
CA GLY B 57 3.04 6.81 22.85
C GLY B 57 3.17 7.30 21.43
N TYR B 58 2.22 6.95 20.58
CA TYR B 58 2.23 7.44 19.23
C TYR B 58 0.82 7.85 18.85
N TYR B 59 0.71 8.56 17.74
CA TYR B 59 -0.57 8.76 17.10
C TYR B 59 -0.34 9.05 15.62
N CYS B 60 -1.23 8.53 14.77
CA CYS B 60 -1.16 8.79 13.33
C CYS B 60 -2.37 9.62 12.92
N LEU B 61 -2.15 10.61 12.04
CA LEU B 61 -3.26 11.38 11.52
C LEU B 61 -3.04 11.69 10.04
N SER B 62 -4.00 11.26 9.18
CA SER B 62 -3.93 11.40 7.73
C SER B 62 -5.00 12.34 7.21
N THR B 63 -4.71 13.08 6.14
CA THR B 63 -5.74 13.89 5.50
C THR B 63 -6.89 12.99 5.01
N GLY B 64 -8.02 13.63 4.69
CA GLY B 64 -9.25 12.96 4.27
C GLY B 64 -10.26 13.98 3.78
N SER B 65 -11.34 13.49 3.17
CA SER B 65 -12.25 14.42 2.52
C SER B 65 -13.69 13.94 2.59
N ILE B 66 -14.61 14.89 2.77
CA ILE B 66 -16.03 14.62 2.89
C ILE B 66 -16.75 15.31 1.74
N GLN B 67 -17.59 14.55 1.01
CA GLN B 67 -18.02 14.94 -0.32
C GLN B 67 -19.52 14.80 -0.52
N ARG B 68 -20.09 15.76 -1.26
CA ARG B 68 -21.48 15.72 -1.69
C ARG B 68 -21.60 14.78 -2.88
N ASN B 69 -22.38 13.71 -2.72
CA ASN B 69 -22.74 12.83 -3.82
C ASN B 69 -23.24 13.61 -5.02
N LEU B 70 -22.49 13.54 -6.14
CA LEU B 70 -22.93 14.20 -7.36
C LEU B 70 -24.29 13.70 -7.81
N ALA B 71 -24.65 12.49 -7.44
CA ALA B 71 -25.90 11.89 -7.86
C ALA B 71 -26.53 11.23 -6.64
N PRO B 72 -27.23 11.98 -5.79
CA PRO B 72 -28.03 11.32 -4.72
C PRO B 72 -29.08 10.39 -5.31
N GLY B 73 -29.58 10.72 -6.50
CA GLY B 73 -30.28 9.83 -7.42
C GLY B 73 -30.19 10.36 -8.84
N ALA B 74 -30.00 9.48 -9.82
CA ALA B 74 -30.10 9.79 -11.26
C ALA B 74 -29.54 11.16 -11.63
N MET B 75 -28.37 11.49 -11.06
CA MET B 75 -27.56 12.65 -11.45
C MET B 75 -28.30 13.99 -11.29
N ARG B 76 -28.82 14.26 -10.06
CA ARG B 76 -29.61 15.46 -9.75
C ARG B 76 -28.73 16.66 -9.37
N ARG B 77 -29.36 17.70 -8.76
CA ARG B 77 -28.75 19.03 -8.57
C ARG B 77 -27.71 19.01 -7.46
N ASN B 78 -26.60 18.30 -7.73
CA ASN B 78 -25.42 18.33 -6.89
C ASN B 78 -24.23 18.50 -7.82
N ALA B 79 -23.41 19.57 -7.56
CA ALA B 79 -22.14 19.98 -8.16
C ALA B 79 -20.99 19.52 -7.27
N PRO B 80 -19.82 19.36 -7.85
CA PRO B 80 -18.68 18.86 -7.07
C PRO B 80 -18.30 19.72 -5.89
N GLU B 81 -18.55 19.20 -4.69
CA GLU B 81 -18.38 19.94 -3.45
C GLU B 81 -17.69 19.04 -2.44
N SER B 82 -16.51 19.47 -2.00
CA SER B 82 -15.63 18.72 -1.12
C SER B 82 -15.44 19.49 0.18
N LEU B 83 -14.72 18.91 1.13
CA LEU B 83 -14.32 19.64 2.31
C LEU B 83 -13.09 18.97 2.88
N PRO B 84 -11.96 19.67 2.95
CA PRO B 84 -10.77 19.07 3.56
C PRO B 84 -11.03 18.78 5.02
N VAL B 85 -10.40 17.71 5.52
CA VAL B 85 -10.61 17.26 6.87
C VAL B 85 -9.51 16.27 7.21
N VAL B 86 -9.33 15.98 8.50
CA VAL B 86 -8.16 15.26 9.01
C VAL B 86 -8.64 14.12 9.90
N VAL B 87 -8.21 12.90 9.60
CA VAL B 87 -8.58 11.72 10.38
C VAL B 87 -7.48 11.44 11.38
N LEU B 88 -7.87 11.28 12.66
CA LEU B 88 -6.97 10.79 13.69
C LEU B 88 -7.21 9.29 13.81
N GLY B 89 -6.29 8.51 13.30
CA GLY B 89 -6.57 7.09 13.17
C GLY B 89 -6.37 6.36 14.47
N ARG B 90 -5.14 6.39 14.94
CA ARG B 90 -4.78 5.60 16.09
C ARG B 90 -4.08 6.53 17.05
N LEU B 91 -4.54 6.45 18.30
CA LEU B 91 -3.85 6.98 19.45
C LEU B 91 -3.71 5.78 20.36
N ALA B 92 -2.50 5.53 20.84
CA ALA B 92 -2.23 4.41 21.71
C ALA B 92 -1.03 4.76 22.56
N ILE B 93 -1.06 4.28 23.81
CA ILE B 93 -0.07 4.57 24.85
C ILE B 93 0.30 3.26 25.52
N ASP B 94 1.58 3.15 25.89
CA ASP B 94 2.11 1.96 26.55
C ASP B 94 1.29 1.55 27.76
N GLN B 95 0.78 0.30 27.74
CA GLN B 95 -0.10 -0.23 28.78
C GLN B 95 0.38 0.08 30.19
N ALA B 96 1.67 0.32 30.38
CA ALA B 96 2.25 0.56 31.70
C ALA B 96 2.65 2.01 31.92
N TRP B 97 2.27 2.92 31.01
CA TRP B 97 2.30 4.35 31.30
C TRP B 97 0.91 4.97 31.25
N ALA B 98 -0.12 4.12 31.20
CA ALA B 98 -1.49 4.58 31.40
C ALA B 98 -1.63 5.21 32.78
N GLY B 99 -2.72 5.95 32.96
CA GLY B 99 -2.99 6.58 34.23
C GLY B 99 -2.13 7.82 34.41
N LYS B 100 -0.95 7.79 33.79
CA LYS B 100 -0.03 8.90 33.94
C LYS B 100 -0.44 10.10 33.08
N GLY B 101 -1.72 10.13 32.68
CA GLY B 101 -2.31 11.27 32.00
C GLY B 101 -1.79 11.52 30.60
N LEU B 102 -1.28 10.49 29.94
CA LEU B 102 -0.52 10.67 28.70
C LEU B 102 -1.40 10.72 27.45
N GLY B 103 -2.52 10.00 27.43
CA GLY B 103 -3.37 9.98 26.24
C GLY B 103 -3.91 11.35 25.86
N VAL B 104 -4.48 12.07 26.83
CA VAL B 104 -4.95 13.43 26.56
C VAL B 104 -3.82 14.28 26.00
N ALA B 105 -2.61 14.11 26.55
CA ALA B 105 -1.50 14.96 26.15
C ALA B 105 -1.21 14.84 24.64
N LEU B 106 -1.34 13.62 24.11
CA LEU B 106 -1.25 13.43 22.67
C LEU B 106 -2.44 14.04 21.95
N LEU B 107 -3.65 13.73 22.42
CA LEU B 107 -4.84 14.29 21.79
C LEU B 107 -4.76 15.80 21.73
N LYS B 108 -4.17 16.43 22.74
CA LYS B 108 -4.06 17.88 22.73
C LYS B 108 -3.06 18.35 21.68
N ASP B 109 -1.90 17.67 21.58
CA ASP B 109 -0.96 17.98 20.51
C ASP B 109 -1.58 17.72 19.15
N ALA B 110 -2.37 16.63 19.05
CA ALA B 110 -3.08 16.32 17.82
C ALA B 110 -3.98 17.46 17.40
N VAL B 111 -4.66 18.09 18.35
CA VAL B 111 -5.60 19.14 17.99
C VAL B 111 -4.83 20.40 17.61
N TYR B 112 -3.80 20.74 18.36
CA TYR B 112 -3.09 21.97 18.05
C TYR B 112 -2.55 21.88 16.63
N ARG B 113 -1.91 20.76 16.31
CA ARG B 113 -1.37 20.53 14.98
C ARG B 113 -2.43 20.77 13.93
N THR B 114 -3.57 20.08 14.06
CA THR B 114 -4.65 20.26 13.08
C THR B 114 -5.05 21.72 12.97
N MET B 115 -5.17 22.40 14.10
CA MET B 115 -5.43 23.83 14.06
C MET B 115 -4.29 24.57 13.40
N SER B 116 -3.05 24.13 13.63
CA SER B 116 -1.93 24.78 12.95
C SER B 116 -2.06 24.65 11.44
N ILE B 117 -2.38 23.46 10.94
CA ILE B 117 -2.48 23.30 9.50
C ILE B 117 -3.76 23.93 8.98
N ALA B 118 -4.85 23.88 9.74
CA ALA B 118 -6.12 24.40 9.24
C ALA B 118 -6.04 25.86 8.87
N GLN B 119 -4.98 26.56 9.31
CA GLN B 119 -4.74 27.92 8.84
C GLN B 119 -4.24 27.90 7.41
N GLN B 120 -3.14 27.17 7.16
CA GLN B 120 -2.55 27.11 5.82
C GLN B 120 -3.49 26.49 4.82
N VAL B 121 -3.80 25.22 5.03
CA VAL B 121 -4.80 24.52 4.25
C VAL B 121 -6.17 24.68 4.89
N GLY B 122 -7.25 24.38 4.16
CA GLY B 122 -8.57 24.67 4.69
C GLY B 122 -9.28 23.58 5.45
N VAL B 123 -8.58 22.72 6.22
CA VAL B 123 -9.27 21.62 6.89
C VAL B 123 -10.27 22.17 7.91
N ARG B 124 -11.26 21.34 8.27
CA ARG B 124 -12.47 21.79 8.95
C ARG B 124 -12.80 21.00 10.20
N ALA B 125 -12.34 19.76 10.34
CA ALA B 125 -12.62 19.02 11.54
C ALA B 125 -11.50 18.01 11.72
N LEU B 126 -11.39 17.50 12.92
CA LEU B 126 -10.50 16.39 13.18
C LEU B 126 -11.39 15.15 13.39
N ILE B 127 -11.57 14.35 12.34
CA ILE B 127 -12.36 13.15 12.51
C ILE B 127 -11.58 12.11 13.31
N VAL B 128 -12.31 11.14 13.83
CA VAL B 128 -11.72 9.97 14.43
C VAL B 128 -12.80 8.90 14.47
N HIS B 129 -12.39 7.64 14.44
CA HIS B 129 -13.31 6.53 14.39
C HIS B 129 -13.16 5.70 15.66
N ALA B 130 -14.20 5.62 16.46
CA ALA B 130 -14.12 5.00 17.78
C ALA B 130 -14.86 3.67 17.77
N LEU B 131 -14.14 2.59 18.08
CA LEU B 131 -14.68 1.24 18.01
C LEU B 131 -15.11 0.69 19.37
N ASP B 132 -14.33 0.93 20.42
CA ASP B 132 -14.75 0.67 21.79
C ASP B 132 -15.82 1.69 22.18
N ASP B 133 -16.62 1.34 23.18
CA ASP B 133 -17.24 2.37 24.00
C ASP B 133 -16.21 3.01 24.92
N SER B 134 -15.17 2.27 25.29
CA SER B 134 -14.15 2.91 26.15
C SER B 134 -13.52 4.06 25.35
N VAL B 135 -13.13 3.78 24.11
CA VAL B 135 -12.49 4.79 23.21
C VAL B 135 -13.46 5.93 22.86
N ARG B 136 -14.69 5.58 22.51
CA ARG B 136 -15.69 6.58 22.08
C ARG B 136 -15.99 7.54 23.22
N ASN B 137 -16.10 7.01 24.44
CA ASN B 137 -16.43 7.83 25.63
C ASN B 137 -15.23 8.71 26.03
N PHE B 138 -14.01 8.31 25.66
CA PHE B 138 -12.82 9.17 25.88
C PHE B 138 -12.86 10.33 24.90
N TYR B 139 -13.15 10.06 23.62
CA TYR B 139 -13.18 11.16 22.63
C TYR B 139 -14.33 12.14 22.92
N LEU B 140 -15.47 11.62 23.36
CA LEU B 140 -16.64 12.49 23.68
C LEU B 140 -16.30 13.40 24.85
N LYS B 141 -15.57 12.87 25.82
CA LYS B 141 -15.15 13.58 27.05
C LYS B 141 -14.20 14.73 26.69
N TYR B 142 -13.57 14.70 25.52
CA TYR B 142 -12.62 15.74 25.21
C TYR B 142 -13.06 16.50 23.99
N ALA B 143 -14.38 16.68 23.91
CA ALA B 143 -15.10 17.58 23.01
C ALA B 143 -15.41 17.05 21.62
N PHE B 144 -15.23 15.77 21.34
CA PHE B 144 -15.61 15.28 20.02
C PHE B 144 -17.11 15.00 19.95
N VAL B 145 -17.80 15.65 19.02
CA VAL B 145 -19.25 15.49 18.89
C VAL B 145 -19.45 14.27 18.01
N PRO B 146 -20.54 13.53 18.11
CA PRO B 146 -20.75 12.36 17.24
C PRO B 146 -21.11 12.84 15.85
N SER B 147 -20.79 12.02 14.89
CA SER B 147 -21.06 12.59 13.58
C SER B 147 -22.50 12.30 13.16
N PRO B 148 -23.11 13.15 12.34
CA PRO B 148 -24.48 12.86 11.90
C PRO B 148 -24.53 11.76 10.87
N PHE B 149 -23.42 11.51 10.16
CA PHE B 149 -23.44 10.65 8.99
C PHE B 149 -23.04 9.20 9.27
N GLN B 150 -22.42 8.90 10.42
CA GLN B 150 -22.26 7.51 10.81
C GLN B 150 -21.88 7.44 12.29
N SER B 151 -22.15 6.29 12.89
CA SER B 151 -22.14 6.19 14.35
C SER B 151 -20.76 5.90 14.94
N LEU B 152 -19.93 5.08 14.28
CA LEU B 152 -18.57 4.86 14.76
C LEU B 152 -17.72 6.12 14.79
N THR B 153 -18.12 7.16 14.07
CA THR B 153 -17.25 8.30 13.74
C THR B 153 -17.63 9.54 14.55
N LEU B 154 -16.71 9.98 15.39
CA LEU B 154 -16.80 11.26 16.09
C LEU B 154 -15.93 12.28 15.36
N LEU B 155 -16.19 13.55 15.63
CA LEU B 155 -15.39 14.60 15.03
C LEU B 155 -15.41 15.84 15.90
N TYR B 156 -14.36 16.64 15.74
CA TYR B 156 -14.09 17.84 16.53
C TYR B 156 -14.03 19.01 15.56
N PRO B 157 -15.15 19.67 15.31
CA PRO B 157 -15.17 20.64 14.21
C PRO B 157 -14.21 21.77 14.50
N ILE B 158 -13.58 22.26 13.42
CA ILE B 158 -12.66 23.39 13.46
C ILE B 158 -13.28 24.47 12.61
N THR B 159 -13.48 25.65 13.20
CA THR B 159 -14.01 26.78 12.43
C THR B 159 -13.13 27.99 12.69
N LEU B 160 -12.59 28.55 11.62
CA LEU B 160 -11.88 29.82 11.63
C LEU B 160 -12.19 30.44 10.26
N GLU B 161 -11.28 31.34 9.87
CA GLU B 161 -11.36 32.22 8.67
C GLU B 161 -10.58 31.70 7.46
N LEU B 162 -11.26 31.42 6.34
CA LEU B 162 -10.53 31.11 5.10
C LEU B 162 -9.04 30.79 5.26
N SER C 5 -20.88 -11.80 23.16
CA SER C 5 -20.22 -12.51 22.07
C SER C 5 -20.29 -14.04 22.22
N LYS C 6 -20.87 -14.70 21.22
CA LYS C 6 -21.10 -16.14 21.21
C LYS C 6 -20.47 -16.78 19.97
N GLU C 7 -20.34 -18.10 20.01
CA GLU C 7 -19.52 -18.85 19.04
C GLU C 7 -20.40 -19.56 18.02
N ALA C 8 -20.77 -18.83 16.95
CA ALA C 8 -21.54 -19.38 15.83
C ALA C 8 -20.66 -19.43 14.59
N PRO C 9 -20.38 -20.62 14.06
CA PRO C 9 -19.27 -20.77 13.11
C PRO C 9 -19.48 -19.96 11.82
N ILE C 10 -18.35 -19.66 11.18
CA ILE C 10 -18.30 -18.98 9.85
C ILE C 10 -17.76 -20.03 8.87
N ASN C 11 -18.52 -20.34 7.83
CA ASN C 11 -18.09 -21.36 6.84
C ASN C 11 -17.39 -20.66 5.69
N ILE C 12 -16.19 -21.10 5.35
CA ILE C 12 -15.50 -20.43 4.21
C ILE C 12 -15.29 -21.43 3.07
N ARG C 13 -15.86 -21.13 1.91
CA ARG C 13 -15.71 -21.90 0.67
C ARG C 13 -14.48 -21.35 -0.05
N ALA C 14 -13.31 -21.72 0.46
CA ALA C 14 -12.04 -21.27 -0.09
C ALA C 14 -11.61 -22.11 -1.29
N LYS C 15 -10.90 -21.48 -2.21
CA LYS C 15 -10.25 -22.23 -3.26
C LYS C 15 -9.05 -22.97 -2.66
N ALA C 16 -8.75 -24.14 -3.22
CA ALA C 16 -7.74 -25.00 -2.60
C ALA C 16 -6.37 -24.34 -2.57
N SER C 17 -6.06 -23.50 -3.56
CA SER C 17 -4.77 -22.82 -3.59
C SER C 17 -4.63 -21.82 -2.44
N GLN C 18 -5.68 -21.05 -2.15
CA GLN C 18 -5.58 -20.09 -1.08
C GLN C 18 -5.53 -20.79 0.27
N ARG C 19 -6.32 -21.86 0.43
CA ARG C 19 -6.25 -22.63 1.65
C ARG C 19 -4.83 -23.14 1.87
N ASP C 20 -4.21 -23.65 0.79
CA ASP C 20 -2.79 -24.01 0.85
C ASP C 20 -1.95 -22.83 1.28
N LEU C 21 -2.22 -21.64 0.71
CA LEU C 21 -1.40 -20.47 0.99
C LEU C 21 -1.48 -20.07 2.47
N ILE C 22 -2.67 -20.17 3.07
CA ILE C 22 -2.82 -19.74 4.46
C ILE C 22 -2.10 -20.69 5.41
N ASP C 23 -2.10 -22.00 5.09
CA ASP C 23 -1.52 -23.00 5.98
C ASP C 23 -0.02 -22.84 6.13
N MET C 24 0.70 -22.74 5.02
CA MET C 24 2.13 -22.54 5.12
C MET C 24 2.44 -21.29 5.92
N ALA C 25 1.66 -20.21 5.70
CA ALA C 25 1.86 -19.00 6.47
C ALA C 25 1.65 -19.26 7.95
N ALA C 26 0.49 -19.82 8.29
CA ALA C 26 0.18 -20.18 9.67
C ALA C 26 1.36 -20.89 10.32
N ASN C 27 1.86 -21.94 9.67
CA ASN C 27 2.96 -22.72 10.22
C ASN C 27 4.15 -21.85 10.59
N LEU C 28 4.40 -20.79 9.84
CA LEU C 28 5.53 -19.93 10.17
C LEU C 28 5.33 -19.19 11.48
N VAL C 29 4.10 -19.12 11.97
CA VAL C 29 3.83 -18.23 13.09
C VAL C 29 3.10 -18.98 14.18
N ALA C 30 3.16 -20.31 14.12
CA ALA C 30 2.65 -21.20 15.17
C ALA C 30 1.16 -21.00 15.44
N LYS C 31 0.37 -20.85 14.39
CA LYS C 31 -1.06 -20.69 14.59
C LYS C 31 -1.82 -21.76 13.81
N SER C 32 -2.93 -22.19 14.40
CA SER C 32 -3.88 -23.00 13.66
C SER C 32 -4.45 -22.17 12.52
N ARG C 33 -4.91 -22.87 11.48
CA ARG C 33 -5.66 -22.22 10.41
C ARG C 33 -6.72 -21.26 10.97
N THR C 34 -7.56 -21.75 11.87
CA THR C 34 -8.61 -20.92 12.45
C THR C 34 -8.03 -19.68 13.08
N ASP C 35 -7.04 -19.86 13.96
CA ASP C 35 -6.51 -18.77 14.78
C ASP C 35 -5.68 -17.79 13.94
N PHE C 36 -5.14 -18.23 12.82
CA PHE C 36 -4.43 -17.31 11.92
C PHE C 36 -5.40 -16.42 11.17
N MET C 37 -6.39 -17.05 10.49
CA MET C 37 -7.24 -16.32 9.56
C MET C 37 -8.16 -15.38 10.28
N LEU C 38 -8.56 -15.75 11.50
CA LEU C 38 -9.45 -14.93 12.29
C LEU C 38 -8.69 -13.81 12.99
N ASP C 39 -7.45 -14.04 13.38
CA ASP C 39 -6.62 -12.93 13.81
C ASP C 39 -6.40 -11.96 12.66
N ALA C 40 -6.01 -12.48 11.50
CA ALA C 40 -5.73 -11.63 10.35
C ALA C 40 -6.95 -10.82 9.95
N ALA C 41 -8.10 -11.48 9.79
CA ALA C 41 -9.32 -10.78 9.44
C ALA C 41 -9.59 -9.67 10.44
N CYS C 42 -9.66 -10.03 11.71
CA CYS C 42 -9.86 -9.07 12.79
C CYS C 42 -8.98 -7.85 12.60
N ARG C 43 -7.69 -8.09 12.37
CA ARG C 43 -6.73 -7.01 12.35
C ARG C 43 -6.98 -6.06 11.20
N GLU C 44 -7.10 -6.59 9.97
CA GLU C 44 -7.36 -5.72 8.82
C GLU C 44 -8.72 -5.04 8.94
N ALA C 45 -9.73 -5.77 9.45
CA ALA C 45 -11.05 -5.19 9.67
C ALA C 45 -10.95 -3.90 10.48
N GLN C 46 -10.19 -3.94 11.58
CA GLN C 46 -10.09 -2.75 12.41
C GLN C 46 -9.34 -1.64 11.68
N ASP C 47 -8.26 -1.97 10.93
CA ASP C 47 -7.56 -0.94 10.18
C ASP C 47 -8.48 -0.32 9.15
N ILE C 48 -9.27 -1.15 8.46
CA ILE C 48 -10.19 -0.68 7.44
C ILE C 48 -11.13 0.38 8.00
N LEU C 49 -11.66 0.14 9.21
CA LEU C 49 -12.54 1.11 9.85
C LEU C 49 -11.78 2.26 10.49
N LEU C 50 -10.55 2.02 10.94
CA LEU C 50 -9.81 3.07 11.62
C LEU C 50 -9.14 4.02 10.65
N ASP C 51 -8.83 3.58 9.43
CA ASP C 51 -8.08 4.44 8.53
C ASP C 51 -8.96 4.95 7.39
N GLN C 52 -10.28 5.01 7.62
CA GLN C 52 -11.24 5.44 6.61
C GLN C 52 -11.21 6.96 6.44
N ARG C 53 -10.95 7.42 5.22
CA ARG C 53 -10.73 8.82 4.95
C ARG C 53 -11.74 9.46 3.98
N LEU C 54 -12.38 8.68 3.12
CA LEU C 54 -13.32 9.22 2.15
C LEU C 54 -14.75 8.90 2.57
N PHE C 55 -15.56 9.95 2.74
CA PHE C 55 -16.97 9.84 3.10
C PHE C 55 -17.74 10.56 2.01
N ILE C 56 -18.42 9.79 1.18
CA ILE C 56 -19.31 10.36 0.16
C ILE C 56 -20.72 10.25 0.72
N LEU C 57 -21.26 11.37 1.15
CA LEU C 57 -22.54 11.45 1.83
C LEU C 57 -23.58 12.07 0.92
N ASP C 58 -24.84 11.91 1.32
CA ASP C 58 -25.96 12.46 0.58
C ASP C 58 -26.30 13.83 1.14
N ASP C 59 -27.33 14.45 0.57
CA ASP C 59 -27.67 15.82 0.92
C ASP C 59 -28.11 15.94 2.38
N GLU C 60 -29.16 15.21 2.78
CA GLU C 60 -29.58 15.31 4.18
C GLU C 60 -28.39 15.10 5.11
N GLN C 61 -27.42 14.27 4.70
CA GLN C 61 -26.29 13.95 5.57
C GLN C 61 -25.19 14.98 5.47
N TYR C 62 -24.93 15.54 4.29
CA TYR C 62 -23.86 16.51 4.14
C TYR C 62 -24.24 17.85 4.77
N ASP C 63 -25.51 18.28 4.60
CA ASP C 63 -26.01 19.43 5.36
C ASP C 63 -25.95 19.16 6.86
N ALA C 64 -26.49 18.01 7.29
CA ALA C 64 -26.41 17.62 8.70
C ALA C 64 -24.98 17.65 9.20
N PHE C 65 -24.01 17.51 8.31
CA PHE C 65 -22.61 17.71 8.64
C PHE C 65 -22.26 19.20 8.66
N LEU C 66 -22.57 19.92 7.57
CA LEU C 66 -22.35 21.36 7.58
C LEU C 66 -23.00 22.01 8.79
N ALA C 67 -24.20 21.56 9.16
CA ALA C 67 -24.78 21.97 10.42
C ALA C 67 -23.77 21.82 11.53
N ALA C 68 -23.24 20.61 11.67
CA ALA C 68 -22.37 20.33 12.81
C ALA C 68 -21.20 21.28 12.89
N LEU C 69 -20.73 21.79 11.75
CA LEU C 69 -19.60 22.71 11.79
C LEU C 69 -20.06 24.15 12.00
N ASP C 70 -21.26 24.48 11.51
CA ASP C 70 -21.87 25.78 11.80
C ASP C 70 -22.70 25.63 13.07
N ALA C 71 -22.01 25.69 14.20
CA ALA C 71 -22.71 25.52 15.42
C ALA C 71 -22.06 26.49 16.40
N PRO C 72 -22.83 27.21 17.20
CA PRO C 72 -22.24 27.82 18.39
C PRO C 72 -21.80 26.70 19.33
N ILE C 73 -20.68 26.93 20.01
CA ILE C 73 -20.16 25.95 20.96
C ILE C 73 -21.02 25.96 22.23
N THR C 74 -21.68 24.84 22.51
CA THR C 74 -22.54 24.76 23.68
C THR C 74 -21.70 24.80 24.95
N ALA C 75 -22.38 25.04 26.08
CA ALA C 75 -21.69 25.25 27.35
C ALA C 75 -20.91 24.03 27.77
N GLU C 76 -21.48 22.85 27.58
CA GLU C 76 -20.73 21.61 27.84
C GLU C 76 -19.52 21.50 26.91
N ARG C 77 -19.71 21.67 25.61
CA ARG C 77 -18.58 21.49 24.67
C ARG C 77 -17.42 22.43 25.01
N GLN C 78 -17.68 23.72 25.15
CA GLN C 78 -16.60 24.62 25.52
C GLN C 78 -15.93 24.16 26.80
N ALA C 79 -16.71 23.67 27.78
CA ALA C 79 -16.14 23.23 29.04
C ALA C 79 -15.28 21.96 28.90
N LYS C 80 -15.42 21.21 27.81
CA LYS C 80 -14.52 20.08 27.58
C LYS C 80 -13.26 20.52 26.86
N ILE C 81 -13.41 21.35 25.81
CA ILE C 81 -12.27 22.07 25.23
C ILE C 81 -11.41 22.68 26.33
N ASN C 82 -12.04 23.27 27.34
CA ASN C 82 -11.30 23.79 28.49
C ASN C 82 -10.47 22.71 29.17
N ALA C 83 -11.09 21.55 29.45
CA ALA C 83 -10.37 20.47 30.12
C ALA C 83 -9.17 20.01 29.31
N LEU C 84 -9.34 19.93 27.99
CA LEU C 84 -8.26 19.45 27.14
C LEU C 84 -7.08 20.41 27.16
N MET C 85 -7.35 21.69 26.88
CA MET C 85 -6.31 22.70 26.72
C MET C 85 -5.72 23.20 28.04
N ASN C 86 -6.34 22.92 29.20
CA ASN C 86 -5.73 23.34 30.46
C ASN C 86 -4.70 22.34 30.97
N ARG C 87 -4.93 21.05 30.72
CA ARG C 87 -4.02 19.99 31.14
C ARG C 87 -2.66 20.22 30.54
N LYS C 88 -1.65 20.36 31.41
CA LYS C 88 -0.30 20.62 30.94
C LYS C 88 0.43 19.31 30.70
N SER C 89 0.83 19.09 29.45
CA SER C 89 1.46 17.83 29.06
C SER C 89 2.80 17.67 29.76
N PRO C 90 3.23 16.45 30.11
CA PRO C 90 4.48 16.30 30.85
C PRO C 90 5.71 16.72 30.09
N TRP C 91 5.57 17.16 28.84
CA TRP C 91 6.67 17.66 28.02
C TRP C 91 6.54 19.15 27.78
N GLU C 92 6.00 19.85 28.76
CA GLU C 92 5.47 21.18 28.52
C GLU C 92 5.76 22.03 29.75
N MET D 1 -3.80 -17.71 -12.73
CA MET D 1 -3.49 -17.09 -14.01
C MET D 1 -4.53 -17.44 -15.11
N LYS D 2 -4.21 -18.42 -15.96
CA LYS D 2 -5.14 -18.89 -16.99
C LYS D 2 -6.21 -19.83 -16.40
N PRO D 3 -5.84 -20.91 -15.68
CA PRO D 3 -6.85 -21.88 -15.22
C PRO D 3 -7.65 -21.42 -14.01
N GLU D 4 -8.86 -21.99 -13.88
CA GLU D 4 -9.78 -21.75 -12.75
C GLU D 4 -9.62 -22.85 -11.69
N SER D 5 -10.01 -22.52 -10.46
CA SER D 5 -9.65 -23.30 -9.28
C SER D 5 -10.83 -24.09 -8.70
N LYS D 6 -10.47 -25.10 -7.89
CA LYS D 6 -11.37 -26.11 -7.35
C LYS D 6 -11.27 -26.13 -5.82
N GLU D 7 -12.41 -25.91 -5.15
CA GLU D 7 -12.52 -25.38 -3.78
C GLU D 7 -12.05 -26.39 -2.71
N ALA D 8 -12.16 -25.96 -1.43
CA ALA D 8 -11.84 -26.66 -0.18
C ALA D 8 -12.34 -25.83 1.02
N PRO D 9 -12.84 -26.45 2.09
CA PRO D 9 -13.58 -25.68 3.08
C PRO D 9 -12.72 -25.19 4.23
N ILE D 10 -13.17 -24.11 4.86
CA ILE D 10 -12.61 -23.64 6.13
C ILE D 10 -13.75 -23.22 7.05
N ASN D 11 -14.05 -24.03 8.06
CA ASN D 11 -15.00 -23.68 9.11
C ASN D 11 -14.20 -23.29 10.34
N ILE D 12 -14.57 -22.17 10.97
CA ILE D 12 -13.88 -21.69 12.17
C ILE D 12 -14.89 -21.08 13.13
N ARG D 13 -14.63 -21.30 14.42
CA ARG D 13 -15.53 -20.81 15.49
C ARG D 13 -15.30 -19.31 15.64
N ALA D 14 -16.37 -18.52 15.52
CA ALA D 14 -16.20 -17.06 15.62
C ALA D 14 -17.00 -16.47 16.77
N LYS D 15 -16.30 -15.80 17.70
CA LYS D 15 -16.97 -14.95 18.68
C LYS D 15 -17.79 -13.86 17.96
N ALA D 16 -18.57 -13.12 18.73
CA ALA D 16 -19.35 -12.05 18.11
C ALA D 16 -18.70 -10.69 18.23
N SER D 17 -17.93 -10.46 19.31
CA SER D 17 -17.03 -9.31 19.40
C SER D 17 -16.34 -9.08 18.07
N GLN D 18 -15.65 -10.11 17.56
CA GLN D 18 -14.98 -10.06 16.27
C GLN D 18 -15.97 -10.08 15.12
N ARG D 19 -16.87 -11.06 15.09
CA ARG D 19 -17.67 -11.28 13.89
C ARG D 19 -18.49 -10.06 13.53
N ASP D 20 -18.83 -9.20 14.49
CA ASP D 20 -19.49 -7.95 14.13
C ASP D 20 -18.52 -6.92 13.55
N LEU D 21 -17.30 -6.85 14.11
CA LEU D 21 -16.25 -5.96 13.59
C LEU D 21 -15.82 -6.37 12.18
N ILE D 22 -15.52 -7.65 11.99
CA ILE D 22 -15.20 -8.11 10.64
C ILE D 22 -16.36 -7.85 9.67
N ASP D 23 -17.60 -7.97 10.13
CA ASP D 23 -18.75 -7.78 9.22
C ASP D 23 -19.00 -6.30 8.93
N MET D 24 -18.66 -5.41 9.86
CA MET D 24 -18.80 -3.99 9.57
C MET D 24 -17.86 -3.60 8.45
N ALA D 25 -16.56 -3.82 8.67
CA ALA D 25 -15.58 -3.56 7.62
C ALA D 25 -15.97 -4.25 6.31
N ALA D 26 -16.44 -5.50 6.39
CA ALA D 26 -16.77 -6.22 5.16
C ALA D 26 -17.83 -5.49 4.37
N ASN D 27 -18.78 -4.86 5.06
CA ASN D 27 -19.83 -4.13 4.37
C ASN D 27 -19.32 -2.78 3.88
N LEU D 28 -18.35 -2.19 4.60
CA LEU D 28 -17.84 -0.88 4.21
C LEU D 28 -17.06 -0.94 2.90
N VAL D 29 -16.47 -2.10 2.57
CA VAL D 29 -15.78 -2.32 1.30
C VAL D 29 -16.61 -3.18 0.35
N ALA D 30 -17.91 -3.36 0.63
CA ALA D 30 -18.82 -4.11 -0.24
C ALA D 30 -18.26 -5.49 -0.64
N LYS D 31 -17.71 -6.19 0.34
CA LYS D 31 -17.36 -7.60 0.23
C LYS D 31 -18.35 -8.40 1.05
N SER D 32 -18.28 -9.72 0.91
CA SER D 32 -18.95 -10.61 1.84
C SER D 32 -17.97 -11.03 2.94
N ARG D 33 -18.51 -11.55 4.03
CA ARG D 33 -17.67 -11.93 5.16
C ARG D 33 -16.61 -12.94 4.74
N THR D 34 -17.02 -14.02 4.08
CA THR D 34 -16.06 -14.97 3.52
C THR D 34 -15.01 -14.22 2.71
N ASP D 35 -15.46 -13.47 1.70
CA ASP D 35 -14.56 -12.72 0.84
C ASP D 35 -13.62 -11.85 1.66
N PHE D 36 -14.18 -11.01 2.53
CA PHE D 36 -13.34 -10.24 3.45
C PHE D 36 -12.31 -11.12 4.12
N MET D 37 -12.76 -12.09 4.92
CA MET D 37 -11.82 -12.85 5.74
C MET D 37 -10.84 -13.61 4.90
N LEU D 38 -11.17 -13.86 3.63
CA LEU D 38 -10.27 -14.62 2.77
C LEU D 38 -9.16 -13.74 2.25
N ASP D 39 -9.52 -12.61 1.63
CA ASP D 39 -8.52 -11.67 1.16
C ASP D 39 -7.76 -11.03 2.31
N ALA D 40 -8.31 -11.04 3.51
CA ALA D 40 -7.54 -10.58 4.66
C ALA D 40 -6.47 -11.58 5.02
N ALA D 41 -6.80 -12.87 4.99
CA ALA D 41 -5.88 -13.89 5.43
C ALA D 41 -4.77 -14.12 4.40
N CYS D 42 -5.10 -14.06 3.10
CA CYS D 42 -4.08 -14.27 2.08
C CYS D 42 -3.17 -13.08 1.93
N ARG D 43 -3.70 -11.86 2.06
CA ARG D 43 -2.83 -10.70 1.98
C ARG D 43 -1.75 -10.79 3.05
N GLU D 44 -2.10 -11.27 4.24
CA GLU D 44 -1.14 -11.44 5.34
C GLU D 44 -0.28 -12.69 5.17
N ALA D 45 -0.89 -13.79 4.73
CA ALA D 45 -0.12 -14.98 4.40
C ALA D 45 1.03 -14.62 3.46
N GLN D 46 0.68 -14.02 2.32
CA GLN D 46 1.66 -13.56 1.35
C GLN D 46 2.75 -12.72 2.02
N ASP D 47 2.35 -11.74 2.83
CA ASP D 47 3.36 -10.87 3.41
C ASP D 47 4.17 -11.57 4.49
N ILE D 48 3.71 -12.69 5.05
CA ILE D 48 4.57 -13.46 5.95
C ILE D 48 5.60 -14.27 5.14
N LEU D 49 5.12 -15.08 4.19
CA LEU D 49 6.05 -15.84 3.35
C LEU D 49 7.07 -14.95 2.62
N LEU D 50 6.78 -13.66 2.38
CA LEU D 50 7.69 -12.77 1.66
C LEU D 50 8.60 -11.96 2.59
N ASP D 51 8.71 -12.36 3.84
CA ASP D 51 9.64 -11.68 4.74
C ASP D 51 11.07 -11.85 4.24
N GLN D 52 11.76 -10.72 4.07
CA GLN D 52 13.20 -10.77 3.83
C GLN D 52 13.94 -11.35 5.02
N ARG D 53 13.28 -11.51 6.17
CA ARG D 53 13.84 -12.23 7.31
C ARG D 53 14.05 -13.70 6.99
N LEU D 54 13.43 -14.21 5.93
CA LEU D 54 13.52 -15.62 5.54
C LEU D 54 14.69 -15.92 4.59
N PHE D 55 15.46 -14.92 4.16
CA PHE D 55 16.76 -15.22 3.59
C PHE D 55 17.89 -14.36 4.15
N ILE D 56 17.59 -13.29 4.89
CA ILE D 56 18.60 -12.41 5.43
C ILE D 56 18.74 -12.71 6.93
N LEU D 57 19.71 -13.58 7.27
CA LEU D 57 19.83 -14.16 8.60
C LEU D 57 20.62 -13.28 9.58
N ASP D 58 20.74 -11.98 9.31
CA ASP D 58 21.57 -11.10 10.12
C ASP D 58 20.90 -9.74 10.23
N ASP D 59 21.58 -8.84 10.94
CA ASP D 59 21.49 -7.41 10.69
C ASP D 59 22.69 -6.93 9.89
N GLU D 60 23.59 -7.84 9.54
CA GLU D 60 24.82 -7.58 8.79
C GLU D 60 24.78 -8.10 7.36
N GLN D 61 24.25 -9.31 7.16
CA GLN D 61 23.76 -9.68 5.83
C GLN D 61 22.78 -8.62 5.33
N TYR D 62 21.98 -8.04 6.25
CA TYR D 62 21.02 -7.01 5.86
C TYR D 62 21.71 -5.71 5.40
N ASP D 63 22.93 -5.46 5.85
CA ASP D 63 23.60 -4.26 5.39
C ASP D 63 24.31 -4.50 4.06
N ALA D 64 24.77 -5.74 3.85
CA ALA D 64 25.33 -6.12 2.55
C ALA D 64 24.25 -6.20 1.47
N PHE D 65 23.08 -6.73 1.83
CA PHE D 65 21.97 -6.78 0.88
C PHE D 65 21.45 -5.38 0.55
N LEU D 66 21.43 -4.45 1.52
CA LEU D 66 21.02 -3.09 1.18
C LEU D 66 22.09 -2.35 0.41
N ALA D 67 23.36 -2.71 0.62
CA ALA D 67 24.47 -1.95 0.05
C ALA D 67 24.71 -2.34 -1.40
N ALA D 68 24.84 -3.65 -1.64
CA ALA D 68 25.04 -4.14 -3.01
C ALA D 68 23.84 -3.83 -3.88
N LEU D 69 22.64 -3.92 -3.31
CA LEU D 69 21.43 -3.53 -4.03
C LEU D 69 21.48 -2.08 -4.49
N ASP D 70 21.98 -1.18 -3.67
CA ASP D 70 21.93 0.22 -4.05
C ASP D 70 23.20 0.71 -4.74
N ALA D 71 24.33 0.02 -4.58
CA ALA D 71 25.54 0.44 -5.24
C ALA D 71 25.35 0.42 -6.76
N PRO D 72 25.90 1.40 -7.48
CA PRO D 72 25.84 1.34 -8.94
C PRO D 72 26.76 0.24 -9.46
N ILE D 73 26.29 -0.44 -10.50
CA ILE D 73 27.07 -1.52 -11.06
C ILE D 73 28.05 -0.87 -12.04
N THR D 74 29.12 -0.33 -11.48
CA THR D 74 30.15 0.33 -12.24
C THR D 74 31.12 -0.70 -12.80
N ALA D 75 31.88 -0.29 -13.81
CA ALA D 75 32.85 -1.14 -14.51
C ALA D 75 33.65 -2.05 -13.58
N GLU D 76 34.01 -1.54 -12.40
CA GLU D 76 34.71 -2.32 -11.38
C GLU D 76 33.82 -3.42 -10.83
N ARG D 77 32.65 -3.06 -10.31
CA ARG D 77 31.69 -4.02 -9.78
C ARG D 77 31.07 -4.91 -10.84
N GLN D 78 31.35 -4.68 -12.12
CA GLN D 78 31.11 -5.70 -13.13
C GLN D 78 32.25 -6.70 -13.18
N ALA D 79 33.49 -6.20 -13.09
CA ALA D 79 34.63 -7.10 -12.97
C ALA D 79 34.51 -7.97 -11.73
N LYS D 80 34.32 -7.33 -10.57
CA LYS D 80 34.16 -8.04 -9.31
C LYS D 80 33.13 -9.17 -9.42
N ILE D 81 31.92 -8.83 -9.84
CA ILE D 81 30.85 -9.81 -9.91
C ILE D 81 31.16 -10.88 -10.95
N ASN D 82 31.74 -10.49 -12.08
CA ASN D 82 32.09 -11.48 -13.09
C ASN D 82 33.29 -12.29 -12.65
N ALA D 83 34.28 -11.63 -12.03
CA ALA D 83 35.47 -12.32 -11.53
C ALA D 83 35.21 -13.11 -10.25
N LEU D 84 34.04 -12.94 -9.62
CA LEU D 84 33.67 -13.76 -8.45
C LEU D 84 32.90 -15.01 -8.86
N MET D 85 31.98 -14.91 -9.83
CA MET D 85 31.44 -16.11 -10.45
C MET D 85 32.56 -16.98 -11.04
N PRO E 3 -27.99 -6.02 4.94
CA PRO E 3 -26.66 -6.43 4.49
C PRO E 3 -26.34 -6.04 3.02
N GLU E 4 -26.47 -6.93 2.02
CA GLU E 4 -26.04 -6.60 0.66
C GLU E 4 -27.01 -5.59 0.02
N SER E 5 -26.48 -4.41 -0.31
CA SER E 5 -27.30 -3.23 -0.62
C SER E 5 -27.93 -3.36 -2.01
N LYS E 6 -28.60 -2.28 -2.44
CA LYS E 6 -29.36 -2.27 -3.69
C LYS E 6 -28.43 -2.35 -4.91
N GLU E 7 -28.59 -3.40 -5.71
CA GLU E 7 -27.65 -3.75 -6.78
C GLU E 7 -28.22 -3.34 -8.14
N ALA E 8 -27.51 -2.44 -8.83
CA ALA E 8 -27.90 -1.92 -10.14
C ALA E 8 -26.68 -1.90 -11.05
N PRO E 9 -26.87 -2.12 -12.36
CA PRO E 9 -25.78 -2.60 -13.22
C PRO E 9 -24.96 -1.50 -13.91
N ILE E 10 -23.87 -1.94 -14.54
CA ILE E 10 -23.07 -1.13 -15.46
C ILE E 10 -22.59 -2.05 -16.57
N ASN E 11 -23.03 -1.79 -17.79
CA ASN E 11 -22.66 -2.63 -18.91
C ASN E 11 -21.60 -1.93 -19.74
N ILE E 12 -20.61 -2.71 -20.18
CA ILE E 12 -19.50 -2.18 -20.95
C ILE E 12 -19.26 -3.12 -22.12
N ARG E 13 -18.66 -2.57 -23.17
CA ARG E 13 -18.03 -3.38 -24.19
C ARG E 13 -16.52 -3.30 -23.99
N ALA E 14 -15.82 -4.35 -24.38
CA ALA E 14 -14.36 -4.31 -24.34
C ALA E 14 -13.83 -5.19 -25.46
N LYS E 15 -12.51 -5.45 -25.45
CA LYS E 15 -11.84 -6.26 -26.47
C LYS E 15 -11.32 -7.57 -25.83
N ALA E 16 -10.57 -8.36 -26.62
CA ALA E 16 -9.88 -9.53 -26.09
C ALA E 16 -8.52 -9.15 -25.50
N SER E 17 -7.88 -8.11 -26.06
CA SER E 17 -6.64 -7.55 -25.49
C SER E 17 -6.85 -7.07 -24.06
N GLN E 18 -8.10 -6.93 -23.63
CA GLN E 18 -8.42 -6.44 -22.29
C GLN E 18 -8.87 -7.57 -21.38
N ARG E 19 -9.94 -8.28 -21.73
CA ARG E 19 -10.49 -9.25 -20.80
C ARG E 19 -9.62 -10.48 -20.67
N ASP E 20 -8.82 -10.79 -21.69
CA ASP E 20 -7.77 -11.78 -21.48
C ASP E 20 -6.85 -11.34 -20.35
N LEU E 21 -6.33 -10.11 -20.44
CA LEU E 21 -5.53 -9.57 -19.34
C LEU E 21 -6.35 -9.43 -18.07
N ILE E 22 -7.50 -8.76 -18.15
CA ILE E 22 -8.31 -8.52 -16.96
C ILE E 22 -8.80 -9.82 -16.35
N ASP E 23 -8.82 -10.93 -17.09
CA ASP E 23 -9.19 -12.18 -16.48
C ASP E 23 -8.01 -12.90 -15.87
N MET E 24 -6.82 -12.75 -16.45
CA MET E 24 -5.65 -13.39 -15.86
C MET E 24 -5.49 -12.92 -14.44
N ALA E 25 -5.50 -11.60 -14.24
CA ALA E 25 -5.41 -11.07 -12.89
C ALA E 25 -6.62 -11.51 -12.07
N ALA E 26 -7.83 -11.28 -12.59
CA ALA E 26 -9.03 -11.69 -11.86
C ALA E 26 -8.93 -13.13 -11.44
N ASN E 27 -8.45 -13.98 -12.33
CA ASN E 27 -8.31 -15.39 -12.00
C ASN E 27 -7.15 -15.61 -11.03
N LEU E 28 -6.04 -14.90 -11.22
CA LEU E 28 -4.87 -15.11 -10.37
C LEU E 28 -5.23 -14.87 -8.91
N VAL E 29 -5.97 -13.78 -8.63
CA VAL E 29 -6.32 -13.42 -7.26
C VAL E 29 -7.66 -14.01 -6.84
N ALA E 30 -8.19 -14.95 -7.64
CA ALA E 30 -9.39 -15.72 -7.31
C ALA E 30 -10.62 -14.83 -7.15
N LYS E 31 -10.80 -13.92 -8.11
CA LYS E 31 -11.97 -13.05 -8.20
C LYS E 31 -12.70 -13.27 -9.51
N SER E 32 -13.93 -12.80 -9.57
CA SER E 32 -14.65 -12.74 -10.82
C SER E 32 -14.36 -11.42 -11.50
N ARG E 33 -14.31 -11.46 -12.84
CA ARG E 33 -14.14 -10.25 -13.63
C ARG E 33 -15.08 -9.14 -13.17
N THR E 34 -16.35 -9.48 -12.90
CA THR E 34 -17.26 -8.50 -12.31
C THR E 34 -16.61 -7.84 -11.09
N ASP E 35 -16.29 -8.65 -10.07
CA ASP E 35 -15.77 -8.12 -8.82
C ASP E 35 -14.33 -7.70 -8.93
N PHE E 36 -13.60 -8.15 -9.94
CA PHE E 36 -12.25 -7.64 -10.14
C PHE E 36 -12.27 -6.18 -10.53
N MET E 37 -13.10 -5.83 -11.50
CA MET E 37 -13.13 -4.47 -12.01
C MET E 37 -13.80 -3.50 -11.04
N LEU E 38 -14.69 -4.00 -10.19
CA LEU E 38 -15.31 -3.11 -9.20
C LEU E 38 -14.28 -2.67 -8.17
N ASP E 39 -13.58 -3.64 -7.54
CA ASP E 39 -12.49 -3.29 -6.63
C ASP E 39 -11.46 -2.44 -7.35
N ALA E 40 -11.21 -2.76 -8.62
CA ALA E 40 -10.19 -2.04 -9.38
C ALA E 40 -10.56 -0.57 -9.54
N ALA E 41 -11.79 -0.31 -9.99
CA ALA E 41 -12.24 1.06 -10.17
C ALA E 41 -12.38 1.77 -8.82
N CYS E 42 -13.14 1.16 -7.90
CA CYS E 42 -13.45 1.81 -6.62
C CYS E 42 -12.20 2.21 -5.86
N ARG E 43 -11.13 1.44 -5.96
CA ARG E 43 -9.91 1.84 -5.29
C ARG E 43 -9.10 2.85 -6.08
N GLU E 44 -9.35 2.99 -7.39
CA GLU E 44 -8.76 4.11 -8.11
C GLU E 44 -9.57 5.38 -7.96
N ALA E 45 -10.89 5.24 -7.78
CA ALA E 45 -11.72 6.40 -7.46
C ALA E 45 -11.38 6.97 -6.09
N GLN E 46 -11.32 6.11 -5.08
CA GLN E 46 -10.95 6.52 -3.73
C GLN E 46 -9.64 7.29 -3.72
N ASP E 47 -8.71 6.92 -4.58
CA ASP E 47 -7.39 7.53 -4.52
C ASP E 47 -7.38 8.93 -5.11
N ILE E 48 -8.11 9.16 -6.22
CA ILE E 48 -8.08 10.49 -6.83
C ILE E 48 -9.09 11.45 -6.20
N LEU E 49 -10.22 10.96 -5.71
CA LEU E 49 -11.08 11.77 -4.85
C LEU E 49 -10.35 12.21 -3.60
N LEU E 50 -9.23 11.57 -3.25
CA LEU E 50 -8.38 11.91 -2.13
C LEU E 50 -7.10 12.63 -2.56
N ASP E 51 -7.00 13.06 -3.83
CA ASP E 51 -5.91 13.92 -4.26
C ASP E 51 -5.75 15.10 -3.32
N GLN E 52 -4.56 15.21 -2.72
CA GLN E 52 -4.31 16.37 -1.88
C GLN E 52 -4.30 17.66 -2.69
N ARG E 53 -3.95 17.58 -3.98
CA ARG E 53 -4.02 18.75 -4.87
C ARG E 53 -5.41 19.37 -4.88
N LEU E 54 -6.44 18.56 -4.62
CA LEU E 54 -7.83 19.04 -4.64
C LEU E 54 -8.11 20.09 -3.55
N PHE E 55 -7.27 20.18 -2.52
CA PHE E 55 -7.44 21.17 -1.47
C PHE E 55 -6.15 21.89 -1.05
N ILE E 56 -4.96 21.31 -1.27
CA ILE E 56 -3.72 22.00 -0.96
C ILE E 56 -3.54 23.20 -1.89
N LEU E 57 -3.66 22.99 -3.20
CA LEU E 57 -3.94 23.96 -4.27
C LEU E 57 -2.77 24.78 -4.83
N ASP E 58 -1.53 24.63 -4.37
CA ASP E 58 -0.33 25.15 -5.05
C ASP E 58 0.92 24.74 -4.26
N ASP E 59 2.11 25.05 -4.78
CA ASP E 59 3.34 24.75 -4.04
C ASP E 59 3.82 25.91 -3.17
N GLU E 60 3.00 26.94 -2.98
CA GLU E 60 3.20 27.89 -1.88
C GLU E 60 2.66 27.30 -0.57
N GLN E 61 1.46 26.72 -0.64
CA GLN E 61 0.81 26.10 0.50
C GLN E 61 1.33 24.68 0.78
N TYR E 62 1.98 24.04 -0.20
CA TYR E 62 2.53 22.72 0.05
C TYR E 62 3.70 22.79 1.03
N ASP E 63 4.54 23.83 0.93
CA ASP E 63 5.60 24.01 1.92
C ASP E 63 5.02 24.25 3.30
N ALA E 64 4.19 25.29 3.43
CA ALA E 64 3.63 25.66 4.71
C ALA E 64 2.72 24.58 5.31
N PHE E 65 2.34 23.58 4.53
CA PHE E 65 1.55 22.49 5.07
C PHE E 65 2.42 21.49 5.81
N LEU E 66 3.47 20.97 5.16
CA LEU E 66 4.34 20.02 5.83
C LEU E 66 5.13 20.65 6.98
N ALA E 67 5.21 21.98 7.03
CA ALA E 67 5.81 22.65 8.18
C ALA E 67 4.89 22.54 9.40
N ALA E 68 3.63 22.98 9.24
CA ALA E 68 2.65 22.77 10.29
C ALA E 68 2.52 21.28 10.60
N LEU E 69 2.81 20.43 9.64
CA LEU E 69 2.76 19.00 9.87
C LEU E 69 3.82 18.55 10.86
N ASP E 70 5.10 18.65 10.48
CA ASP E 70 6.15 17.98 11.23
C ASP E 70 6.71 18.85 12.36
N ALA E 71 6.36 20.14 12.42
CA ALA E 71 6.87 21.02 13.46
C ALA E 71 6.39 20.55 14.84
N PRO E 72 7.14 20.85 15.90
CA PRO E 72 6.70 20.46 17.24
C PRO E 72 5.89 21.57 17.92
N ILE E 73 5.18 21.17 18.97
CA ILE E 73 4.21 22.06 19.59
C ILE E 73 4.65 22.40 21.00
N THR E 74 5.46 23.46 21.10
CA THR E 74 5.93 24.00 22.36
C THR E 74 4.92 25.02 22.88
N ALA E 75 5.03 25.32 24.18
CA ALA E 75 4.33 26.44 24.79
C ALA E 75 4.46 27.69 23.92
N GLU E 76 5.60 27.82 23.24
CA GLU E 76 5.80 28.92 22.29
C GLU E 76 4.84 28.80 21.11
N ARG E 77 4.91 27.68 20.37
CA ARG E 77 4.02 27.51 19.22
C ARG E 77 2.57 27.40 19.66
N GLN E 78 2.32 26.60 20.72
CA GLN E 78 0.96 26.35 21.19
C GLN E 78 0.20 27.65 21.43
N ALA E 79 0.74 28.51 22.30
CA ALA E 79 0.06 29.77 22.60
C ALA E 79 -0.01 30.69 21.39
N LYS E 80 0.89 30.54 20.41
CA LYS E 80 0.90 31.43 19.24
C LYS E 80 -0.09 30.97 18.17
N ILE E 81 -0.23 29.64 17.99
CA ILE E 81 -1.39 29.13 17.25
C ILE E 81 -2.64 29.33 18.09
N ASN E 82 -2.53 29.24 19.42
CA ASN E 82 -3.64 29.66 20.27
C ASN E 82 -3.94 31.15 20.08
N ALA E 83 -2.94 31.96 19.75
CA ALA E 83 -3.14 33.40 19.61
C ALA E 83 -3.79 33.79 18.30
N LEU E 84 -3.59 33.00 17.24
CA LEU E 84 -4.25 33.25 15.96
C LEU E 84 -5.67 32.69 15.93
N MET E 85 -5.87 31.53 16.56
CA MET E 85 -7.22 31.02 16.81
C MET E 85 -8.11 32.10 17.42
N ASN E 86 -7.64 32.73 18.51
CA ASN E 86 -8.45 33.67 19.31
C ASN E 86 -9.13 34.75 18.47
N ALA F 8 -16.82 -8.10 -27.45
CA ALA F 8 -16.51 -8.66 -26.15
C ALA F 8 -17.17 -7.86 -25.04
N PRO F 9 -18.39 -8.27 -24.65
CA PRO F 9 -19.14 -7.50 -23.64
C PRO F 9 -18.72 -7.82 -22.20
N ILE F 10 -18.54 -6.77 -21.41
CA ILE F 10 -18.23 -6.82 -19.98
C ILE F 10 -19.38 -6.12 -19.27
N ASN F 11 -20.27 -6.87 -18.65
CA ASN F 11 -21.45 -6.30 -18.03
C ASN F 11 -21.45 -6.62 -16.54
N ILE F 12 -21.30 -5.58 -15.71
CA ILE F 12 -21.13 -5.70 -14.25
C ILE F 12 -22.41 -5.23 -13.56
N ARG F 13 -22.81 -5.97 -12.52
CA ARG F 13 -23.97 -5.61 -11.70
C ARG F 13 -23.43 -5.10 -10.36
N ALA F 14 -23.27 -3.78 -10.24
CA ALA F 14 -22.59 -3.16 -9.10
C ALA F 14 -23.57 -2.71 -8.03
N LYS F 15 -23.02 -2.09 -6.98
CA LYS F 15 -23.80 -1.42 -5.95
C LYS F 15 -23.90 0.07 -6.28
N ALA F 16 -24.68 0.80 -5.49
CA ALA F 16 -24.80 2.25 -5.63
C ALA F 16 -23.77 2.97 -4.76
N SER F 17 -23.51 2.42 -3.58
CA SER F 17 -22.39 2.80 -2.74
C SER F 17 -21.09 2.58 -3.49
N GLN F 18 -21.19 2.00 -4.69
CA GLN F 18 -20.06 1.67 -5.55
C GLN F 18 -20.06 2.49 -6.83
N ARG F 19 -21.13 2.45 -7.61
CA ARG F 19 -21.13 3.15 -8.89
C ARG F 19 -21.11 4.66 -8.71
N ASP F 20 -21.73 5.16 -7.64
CA ASP F 20 -21.71 6.59 -7.38
C ASP F 20 -20.31 7.03 -6.96
N LEU F 21 -19.57 6.18 -6.26
CA LEU F 21 -18.15 6.41 -6.05
C LEU F 21 -17.39 6.39 -7.37
N ILE F 22 -17.68 5.39 -8.22
CA ILE F 22 -17.02 5.29 -9.51
C ILE F 22 -17.36 6.49 -10.40
N ASP F 23 -18.63 6.90 -10.40
CA ASP F 23 -19.06 7.99 -11.26
C ASP F 23 -18.42 9.32 -10.86
N MET F 24 -18.20 9.56 -9.57
CA MET F 24 -17.70 10.86 -9.13
C MET F 24 -16.26 11.09 -9.57
N ALA F 25 -15.40 10.08 -9.47
CA ALA F 25 -14.02 10.26 -9.88
C ALA F 25 -13.92 10.29 -11.40
N ALA F 26 -14.74 9.50 -12.08
CA ALA F 26 -14.79 9.59 -13.54
C ALA F 26 -15.08 11.02 -13.98
N ASN F 27 -16.10 11.64 -13.38
CA ASN F 27 -16.45 12.99 -13.76
C ASN F 27 -15.43 14.02 -13.32
N LEU F 28 -14.31 13.62 -12.69
CA LEU F 28 -13.28 14.54 -12.28
C LEU F 28 -11.98 14.34 -13.03
N VAL F 29 -11.93 13.36 -13.94
CA VAL F 29 -10.77 13.21 -14.81
C VAL F 29 -11.15 13.38 -16.27
N ALA F 30 -12.42 13.70 -16.56
CA ALA F 30 -13.00 13.94 -17.88
C ALA F 30 -13.26 12.66 -18.66
N LYS F 31 -13.30 11.51 -17.98
CA LYS F 31 -13.50 10.23 -18.65
C LYS F 31 -14.93 9.75 -18.48
N SER F 32 -15.45 9.09 -19.51
CA SER F 32 -16.71 8.37 -19.39
C SER F 32 -16.61 7.36 -18.27
N ARG F 33 -17.77 6.98 -17.71
CA ARG F 33 -17.76 5.90 -16.73
C ARG F 33 -17.24 4.61 -17.34
N THR F 34 -17.44 4.41 -18.65
CA THR F 34 -16.95 3.20 -19.32
C THR F 34 -15.44 3.20 -19.42
N ASP F 35 -14.87 4.27 -20.00
CA ASP F 35 -13.44 4.38 -20.30
C ASP F 35 -12.58 4.41 -19.05
N PHE F 36 -13.20 4.45 -17.88
CA PHE F 36 -12.51 4.65 -16.62
C PHE F 36 -12.40 3.37 -15.80
N MET F 37 -13.52 2.66 -15.61
CA MET F 37 -13.49 1.33 -15.01
C MET F 37 -12.63 0.38 -15.82
N LEU F 38 -12.51 0.60 -17.12
CA LEU F 38 -11.62 -0.23 -17.90
C LEU F 38 -10.18 0.21 -17.73
N ASP F 39 -9.92 1.51 -17.86
CA ASP F 39 -8.56 1.97 -17.65
C ASP F 39 -8.07 1.59 -16.26
N ALA F 40 -8.94 1.60 -15.25
CA ALA F 40 -8.54 1.15 -13.92
C ALA F 40 -8.36 -0.36 -13.86
N ALA F 41 -9.30 -1.11 -14.44
CA ALA F 41 -9.18 -2.56 -14.35
C ALA F 41 -7.99 -3.04 -15.16
N CYS F 42 -7.77 -2.45 -16.33
CA CYS F 42 -6.58 -2.83 -17.08
C CYS F 42 -5.35 -2.54 -16.28
N ARG F 43 -5.23 -1.33 -15.78
CA ARG F 43 -4.01 -0.97 -15.10
C ARG F 43 -3.80 -1.79 -13.84
N GLU F 44 -4.87 -2.16 -13.14
CA GLU F 44 -4.71 -3.08 -12.00
C GLU F 44 -4.44 -4.51 -12.45
N ALA F 45 -5.17 -5.04 -13.42
CA ALA F 45 -4.86 -6.35 -13.97
C ALA F 45 -3.39 -6.43 -14.33
N GLN F 46 -2.87 -5.41 -15.01
CA GLN F 46 -1.46 -5.39 -15.37
C GLN F 46 -0.58 -5.48 -14.12
N ASP F 47 -0.72 -4.51 -13.22
CA ASP F 47 0.25 -4.40 -12.16
C ASP F 47 0.13 -5.52 -11.14
N ILE F 48 -1.05 -6.11 -11.00
CA ILE F 48 -1.15 -7.40 -10.34
C ILE F 48 -0.21 -8.39 -11.02
N LEU F 49 -0.40 -8.58 -12.32
CA LEU F 49 0.32 -9.64 -13.03
C LEU F 49 1.81 -9.37 -13.05
N LEU F 50 2.21 -8.13 -13.34
CA LEU F 50 3.62 -7.76 -13.42
C LEU F 50 4.30 -7.82 -12.06
N ASP F 51 3.65 -7.32 -11.01
CA ASP F 51 4.29 -7.29 -9.70
C ASP F 51 3.81 -8.49 -8.87
N GLN F 52 4.21 -9.69 -9.33
CA GLN F 52 3.83 -10.98 -8.74
C GLN F 52 5.05 -11.72 -8.25
N ARG F 53 5.16 -11.90 -6.91
CA ARG F 53 6.41 -12.25 -6.26
C ARG F 53 6.40 -13.55 -5.49
N LEU F 54 5.23 -14.09 -5.16
CA LEU F 54 5.12 -15.31 -4.38
C LEU F 54 4.58 -16.41 -5.28
N PHE F 55 5.31 -17.52 -5.33
CA PHE F 55 4.90 -18.66 -6.12
C PHE F 55 4.80 -19.84 -5.18
N ILE F 56 3.66 -20.50 -5.19
CA ILE F 56 3.47 -21.74 -4.44
C ILE F 56 3.38 -22.84 -5.48
N LEU F 57 4.45 -23.61 -5.63
CA LEU F 57 4.48 -24.71 -6.60
C LEU F 57 4.33 -26.05 -5.91
N ASP F 58 3.73 -26.99 -6.63
CA ASP F 58 3.68 -28.34 -6.14
C ASP F 58 4.98 -29.03 -6.47
N ASP F 59 5.04 -30.31 -6.12
CA ASP F 59 6.31 -31.01 -6.18
C ASP F 59 6.74 -31.28 -7.62
N GLU F 60 5.81 -31.55 -8.54
CA GLU F 60 6.26 -31.70 -9.92
C GLU F 60 6.81 -30.39 -10.46
N GLN F 61 6.13 -29.27 -10.16
CA GLN F 61 6.59 -28.00 -10.74
C GLN F 61 7.80 -27.47 -10.01
N TYR F 62 7.87 -27.66 -8.70
CA TYR F 62 9.02 -27.14 -7.96
C TYR F 62 10.28 -27.84 -8.42
N ASP F 63 10.20 -29.15 -8.62
CA ASP F 63 11.38 -29.88 -9.07
C ASP F 63 11.72 -29.50 -10.49
N ALA F 64 10.71 -29.27 -11.33
CA ALA F 64 10.99 -28.73 -12.67
C ALA F 64 11.69 -27.39 -12.57
N PHE F 65 11.29 -26.55 -11.62
CA PHE F 65 12.05 -25.35 -11.34
C PHE F 65 13.47 -25.71 -10.90
N LEU F 66 13.61 -26.70 -10.02
CA LEU F 66 14.96 -27.12 -9.61
C LEU F 66 15.77 -27.57 -10.79
N ALA F 67 15.16 -28.39 -11.67
CA ALA F 67 15.85 -28.84 -12.86
C ALA F 67 16.22 -27.68 -13.77
N ALA F 68 15.45 -26.60 -13.72
CA ALA F 68 15.79 -25.42 -14.51
C ALA F 68 17.06 -24.75 -13.99
N LEU F 69 17.32 -24.84 -12.68
CA LEU F 69 18.49 -24.21 -12.10
C LEU F 69 19.73 -25.08 -12.25
N ASP F 70 19.58 -26.42 -12.12
CA ASP F 70 20.72 -27.33 -12.25
C ASP F 70 21.13 -27.56 -13.71
N ALA F 71 20.33 -27.09 -14.66
CA ALA F 71 20.51 -27.45 -16.06
C ALA F 71 21.80 -26.83 -16.61
N PRO F 72 22.59 -27.60 -17.37
CA PRO F 72 23.82 -27.01 -17.94
C PRO F 72 23.44 -25.94 -18.95
N ILE F 73 24.33 -24.98 -19.15
CA ILE F 73 24.05 -23.85 -20.03
C ILE F 73 24.35 -24.29 -21.47
N THR F 74 23.33 -24.33 -22.31
CA THR F 74 23.53 -24.72 -23.69
C THR F 74 24.26 -23.62 -24.43
N ALA F 75 25.03 -23.99 -25.46
CA ALA F 75 25.75 -23.01 -26.27
C ALA F 75 24.82 -21.93 -26.75
N GLU F 76 23.66 -22.34 -27.24
CA GLU F 76 22.56 -21.42 -27.53
C GLU F 76 22.41 -20.39 -26.40
N ARG F 77 22.17 -20.82 -25.16
CA ARG F 77 21.84 -19.84 -24.13
C ARG F 77 23.06 -19.05 -23.72
N GLN F 78 24.23 -19.67 -23.70
CA GLN F 78 25.45 -18.98 -23.34
C GLN F 78 25.74 -17.83 -24.29
N ALA F 79 25.51 -18.04 -25.58
CA ALA F 79 25.82 -16.98 -26.52
C ALA F 79 24.89 -15.80 -26.32
N LYS F 80 23.68 -16.04 -25.84
CA LYS F 80 22.79 -14.93 -25.53
C LYS F 80 23.34 -14.13 -24.35
N ILE F 81 23.76 -14.81 -23.29
CA ILE F 81 24.41 -14.18 -22.15
C ILE F 81 25.55 -13.27 -22.60
N ASN F 82 26.47 -13.82 -23.40
CA ASN F 82 27.53 -13.02 -24.00
C ASN F 82 26.99 -11.75 -24.68
N ALA F 83 25.98 -11.90 -25.53
CA ALA F 83 25.33 -10.76 -26.14
C ALA F 83 24.84 -9.75 -25.10
N LEU F 84 24.25 -10.23 -24.00
CA LEU F 84 23.83 -9.33 -22.93
C LEU F 84 25.03 -8.69 -22.26
N MET F 85 26.06 -9.48 -21.99
CA MET F 85 27.21 -9.00 -21.23
C MET F 85 28.14 -8.09 -22.03
N ASN F 86 28.26 -8.26 -23.35
CA ASN F 86 29.30 -7.55 -24.10
C ASN F 86 28.86 -6.19 -24.63
N ARG F 87 27.63 -5.77 -24.36
CA ARG F 87 26.98 -4.73 -25.14
C ARG F 87 27.43 -3.32 -24.79
N LYS F 88 27.94 -3.07 -23.59
CA LYS F 88 28.47 -1.73 -23.32
C LYS F 88 27.42 -0.62 -23.41
N SER F 89 26.56 -0.54 -22.37
CA SER F 89 25.63 0.55 -22.09
C SER F 89 26.22 1.94 -22.31
N PRO F 90 25.42 2.93 -22.74
CA PRO F 90 25.95 4.25 -23.08
C PRO F 90 26.31 5.12 -21.90
N TRP F 91 26.34 4.56 -20.71
CA TRP F 91 26.83 5.23 -19.52
C TRP F 91 28.09 4.54 -19.01
N GLU F 92 28.87 4.00 -19.93
CA GLU F 92 29.83 2.94 -19.61
C GLU F 92 31.07 2.93 -20.49
#